data_1IVE
#
_entry.id   1IVE
#
_cell.length_a   121.880
_cell.length_b   140.880
_cell.length_c   141.490
_cell.angle_alpha   90.00
_cell.angle_beta   90.00
_cell.angle_gamma   90.00
#
_symmetry.space_group_name_H-M   'C 2 2 21'
#
loop_
_entity.id
_entity.type
_entity.pdbx_description
1 polymer 'INFLUENZA A SUBTYPE N2 NEURAMINIDASE'
2 branched 2-acetamido-2-deoxy-beta-D-glucopyranose-(1-4)-2-acetamido-2-deoxy-beta-D-glucopyranose
3 branched beta-D-mannopyranose-(1-4)-2-acetamido-2-deoxy-beta-D-glucopyranose-(1-4)-[beta-L-fucopyranose-(1-6)]2-acetamido-2-deoxy-beta-D-glucopyranose
4 branched alpha-D-mannopyranose-(1-2)-alpha-D-mannopyranose-(1-3)-[alpha-D-mannopyranose-(1-6)]beta-D-mannopyranose-(1-4)-2-acetamido-2-deoxy-beta-D-glucopyranose-(1-4)-2-acetamido-2-deoxy-beta-D-glucopyranose
5 branched 2-acetamido-2-deoxy-alpha-D-glucopyranose-(1-4)-2-acetamido-2-deoxy-beta-D-glucopyranose
6 branched beta-D-mannopyranose-(1-4)-2-acetamido-2-deoxy-beta-D-glucopyranose-(1-4)-[alpha-L-fucopyranose-(1-6)]2-acetamido-2-deoxy-beta-D-glucopyranose
7 non-polymer 'CALCIUM ION'
8 non-polymer '4-(ACETYLAMINO)-3-AMINO BENZOIC ACID'
#
_entity_poly.entity_id   1
_entity_poly.type   'polypeptide(L)'
_entity_poly.pdbx_seq_one_letter_code
;VEYRNWSKPQCQITGFAPFSKDNSIRLSAGGDIWVTREPYVSCDPVKCYQFALGQGTTLDNKHSNDTVHDRIPHRTLLMN
ELGVPFHLGTRQVCIAWSSSSCHDGKAWLHVCITGDDKNATASFIYDGRLVDSIGSWSQNILRTQESECVCINGTCTVVM
TDGSASGRADTRILFIEEGKIVHISPLAGSAQHVEECSCYPRYPGVRCICRDNWKGSNRPVVDINMEDYSIDSSYVCSGL
VGDTPRNDDRSSNSNCRDPNNERGTQGVKGWAFDNGNDLWMGRTISKDLRSGYETFKVIGGWSTPNSKSQINRQVIVDSD
NRSGYSGIFSVEGKSCINRCFYVELIRGRKQETRVWWTSNSIVVFCGTSGTYGTGSWPDGANINFMPI
;
_entity_poly.pdbx_strand_id   A,B
#
# COMPACT_ATOMS: atom_id res chain seq x y z
N VAL A 1 -2.46 4.81 26.58
CA VAL A 1 -1.21 3.98 26.39
C VAL A 1 0.05 4.71 26.85
N GLU A 2 1.11 3.94 27.11
CA GLU A 2 2.48 4.49 27.07
C GLU A 2 3.12 3.89 25.82
N TYR A 3 4.33 4.32 25.52
CA TYR A 3 5.09 3.66 24.45
C TYR A 3 5.92 2.47 24.91
N ARG A 4 6.20 1.57 23.97
CA ARG A 4 7.15 0.46 24.15
C ARG A 4 8.57 0.94 24.37
N ASN A 5 9.10 0.70 25.56
CA ASN A 5 10.49 1.09 25.83
C ASN A 5 11.44 -0.10 25.96
N TRP A 6 10.88 -1.30 25.93
CA TRP A 6 11.59 -2.58 26.05
C TRP A 6 12.69 -2.75 27.13
N SER A 7 12.54 -2.11 28.29
CA SER A 7 13.52 -2.27 29.36
C SER A 7 13.30 -3.48 30.29
N LYS A 8 13.48 -4.69 29.75
CA LYS A 8 13.54 -5.94 30.52
C LYS A 8 14.74 -6.79 30.06
N PRO A 9 15.32 -7.57 30.99
CA PRO A 9 16.36 -8.55 30.66
C PRO A 9 15.95 -9.42 29.49
N GLN A 10 16.91 -9.88 28.70
CA GLN A 10 16.66 -10.99 27.77
C GLN A 10 16.35 -12.26 28.58
N CYS A 11 15.39 -13.07 28.15
CA CYS A 11 15.14 -14.34 28.81
C CYS A 11 16.30 -15.28 28.51
N GLN A 12 16.88 -15.88 29.55
CA GLN A 12 17.79 -17.02 29.36
C GLN A 12 17.09 -18.16 28.62
N ILE A 13 17.79 -18.81 27.70
CA ILE A 13 17.14 -19.83 26.85
C ILE A 13 18.03 -21.06 26.59
N THR A 14 17.34 -22.14 26.25
CA THR A 14 17.89 -23.48 26.24
C THR A 14 17.87 -23.97 24.80
N GLY A 15 17.18 -23.19 23.97
CA GLY A 15 16.82 -23.62 22.63
C GLY A 15 15.53 -22.97 22.16
N PHE A 16 14.83 -23.66 21.27
CA PHE A 16 13.65 -23.11 20.61
C PHE A 16 12.58 -24.17 20.47
N ALA A 17 11.35 -23.79 20.84
CA ALA A 17 10.14 -24.62 20.75
C ALA A 17 9.36 -24.21 19.52
N PRO A 18 8.68 -25.16 18.83
CA PRO A 18 7.81 -24.73 17.73
C PRO A 18 6.72 -23.70 18.11
N PHE A 19 6.31 -22.89 17.15
CA PHE A 19 5.31 -21.88 17.46
C PHE A 19 4.14 -21.85 16.46
N SER A 20 4.48 -21.94 15.18
CA SER A 20 3.53 -21.70 14.09
C SER A 20 4.04 -22.25 12.78
N LYS A 21 3.15 -22.37 11.80
CA LYS A 21 3.45 -22.89 10.46
C LYS A 21 2.11 -22.73 9.72
N ASP A 22 2.15 -22.39 8.42
CA ASP A 22 0.93 -22.01 7.73
C ASP A 22 0.53 -22.87 6.55
N ASN A 23 1.43 -23.74 6.13
CA ASN A 23 1.14 -24.74 5.10
C ASN A 23 0.67 -24.17 3.76
N SER A 24 0.99 -22.89 3.57
CA SER A 24 0.63 -22.10 2.38
C SER A 24 0.75 -22.75 1.00
N ILE A 25 1.85 -23.47 0.77
CA ILE A 25 2.02 -24.11 -0.54
C ILE A 25 1.14 -25.34 -0.79
N ARG A 26 0.96 -26.18 0.22
CA ARG A 26 0.05 -27.34 0.11
C ARG A 26 -1.39 -26.89 -0.20
N LEU A 27 -1.82 -25.87 0.53
CA LEU A 27 -3.12 -25.24 0.38
C LEU A 27 -3.46 -24.70 -1.02
N SER A 28 -2.44 -24.24 -1.74
CA SER A 28 -2.60 -23.65 -3.08
C SER A 28 -2.89 -24.69 -4.13
N ALA A 29 -2.81 -25.95 -3.75
CA ALA A 29 -2.99 -27.07 -4.69
C ALA A 29 -4.47 -27.35 -4.85
N GLY A 30 -5.24 -26.82 -3.90
CA GLY A 30 -6.67 -26.73 -4.06
C GLY A 30 -7.17 -25.59 -3.21
N GLY A 31 -6.82 -24.38 -3.60
CA GLY A 31 -7.10 -23.21 -2.78
C GLY A 31 -6.75 -21.93 -3.51
N ASP A 32 -7.24 -20.78 -3.04
CA ASP A 32 -6.99 -19.52 -3.72
C ASP A 32 -5.98 -18.66 -2.95
N ILE A 33 -4.70 -18.98 -3.14
CA ILE A 33 -3.66 -18.53 -2.23
C ILE A 33 -2.62 -17.62 -2.91
N TRP A 34 -2.31 -16.52 -2.26
CA TRP A 34 -1.34 -15.54 -2.74
C TRP A 34 0.06 -16.06 -3.06
N VAL A 35 0.62 -15.63 -4.21
CA VAL A 35 2.06 -15.79 -4.50
C VAL A 35 2.88 -14.67 -3.80
N THR A 36 3.85 -15.10 -3.00
CA THR A 36 4.64 -14.20 -2.16
C THR A 36 6.14 -14.53 -2.20
N ARG A 37 6.87 -13.80 -1.36
CA ARG A 37 8.20 -14.19 -0.83
C ARG A 37 8.67 -13.09 0.12
N GLU A 38 9.89 -13.23 0.64
CA GLU A 38 10.39 -12.45 1.78
C GLU A 38 9.35 -12.20 2.88
N PRO A 39 9.02 -13.23 3.67
CA PRO A 39 8.12 -13.07 4.83
C PRO A 39 8.80 -12.40 6.03
N TYR A 40 8.01 -12.01 7.01
CA TYR A 40 8.48 -11.82 8.38
C TYR A 40 7.30 -11.90 9.32
N VAL A 41 7.58 -11.93 10.61
CA VAL A 41 6.50 -11.80 11.55
C VAL A 41 6.92 -10.84 12.64
N SER A 42 5.97 -10.01 13.05
CA SER A 42 6.14 -8.96 14.07
C SER A 42 4.86 -8.93 14.91
N CYS A 43 4.95 -8.37 16.11
CA CYS A 43 3.86 -8.39 17.06
C CYS A 43 3.51 -7.02 17.71
N ASP A 44 2.22 -6.65 17.64
CA ASP A 44 1.68 -5.60 18.50
C ASP A 44 1.69 -6.12 19.94
N PRO A 45 1.48 -5.25 20.92
CA PRO A 45 1.61 -5.65 22.32
C PRO A 45 0.66 -6.72 22.89
N VAL A 46 -0.24 -7.23 22.03
CA VAL A 46 -1.24 -8.28 22.40
C VAL A 46 -1.26 -9.52 21.46
N LYS A 47 -0.89 -9.34 20.18
CA LYS A 47 -0.73 -10.46 19.25
C LYS A 47 0.26 -10.25 18.10
N CYS A 48 0.51 -11.32 17.36
CA CYS A 48 1.50 -11.35 16.28
C CYS A 48 0.85 -11.53 14.89
N TYR A 49 1.48 -10.92 13.90
CA TYR A 49 0.98 -10.96 12.54
C TYR A 49 2.05 -11.54 11.64
N GLN A 50 1.66 -12.17 10.56
CA GLN A 50 2.63 -12.46 9.52
C GLN A 50 2.53 -11.48 8.34
N PHE A 51 3.69 -11.15 7.75
CA PHE A 51 3.80 -10.21 6.63
C PHE A 51 4.52 -10.86 5.47
N ALA A 52 4.15 -10.47 4.26
CA ALA A 52 4.91 -10.89 3.06
C ALA A 52 4.69 -9.96 1.86
N LEU A 53 5.62 -10.00 0.92
CA LEU A 53 5.46 -9.31 -0.34
C LEU A 53 4.72 -10.19 -1.35
N GLY A 54 3.47 -9.84 -1.67
CA GLY A 54 2.75 -10.55 -2.72
C GLY A 54 3.31 -10.29 -4.11
N GLN A 55 2.97 -11.12 -5.08
CA GLN A 55 3.34 -10.85 -6.46
C GLN A 55 2.16 -10.38 -7.31
N GLY A 56 1.26 -9.59 -6.70
CA GLY A 56 0.01 -9.20 -7.35
C GLY A 56 -0.82 -10.34 -7.92
N THR A 57 -0.60 -11.54 -7.41
CA THR A 57 -1.28 -12.72 -7.96
C THR A 57 -1.41 -13.91 -6.97
N THR A 58 -2.25 -14.84 -7.38
CA THR A 58 -2.47 -16.10 -6.69
C THR A 58 -1.82 -17.20 -7.55
N LEU A 59 -1.67 -18.40 -6.98
CA LEU A 59 -0.84 -19.41 -7.59
C LEU A 59 -1.48 -20.15 -8.77
N ASP A 60 -2.77 -20.38 -8.68
CA ASP A 60 -3.48 -21.02 -9.79
C ASP A 60 -4.04 -19.96 -10.72
N ASN A 61 -3.13 -19.35 -11.48
CA ASN A 61 -3.33 -18.05 -12.13
C ASN A 61 -2.22 -17.90 -13.16
N LYS A 62 -2.58 -17.96 -14.45
CA LYS A 62 -1.65 -17.70 -15.55
C LYS A 62 -0.71 -16.52 -15.29
N HIS A 63 -1.18 -15.52 -14.55
CA HIS A 63 -0.30 -14.44 -14.08
C HIS A 63 0.86 -14.81 -13.15
N SER A 64 0.95 -16.07 -12.71
CA SER A 64 1.94 -16.47 -11.70
C SER A 64 3.26 -16.88 -12.36
N ASN A 65 3.20 -17.08 -13.67
CA ASN A 65 4.37 -17.31 -14.53
C ASN A 65 5.49 -16.27 -14.40
N ASP A 66 6.73 -16.73 -14.29
CA ASP A 66 7.85 -15.81 -14.15
C ASP A 66 7.91 -14.94 -12.90
N THR A 67 7.41 -15.41 -11.76
CA THR A 67 7.48 -14.60 -10.54
C THR A 67 8.80 -14.74 -9.75
N VAL A 68 9.82 -15.34 -10.37
CA VAL A 68 11.21 -15.19 -9.90
C VAL A 68 11.61 -13.73 -9.72
N HIS A 69 11.17 -12.89 -10.65
CA HIS A 69 11.56 -11.49 -10.62
C HIS A 69 11.17 -10.82 -9.30
N ASP A 70 12.11 -10.10 -8.72
CA ASP A 70 11.94 -9.47 -7.43
C ASP A 70 11.10 -8.20 -7.41
N ARG A 71 11.25 -7.38 -8.44
CA ARG A 71 10.62 -6.05 -8.41
C ARG A 71 9.65 -5.77 -9.56
N ILE A 72 8.37 -5.61 -9.25
CA ILE A 72 7.37 -5.17 -10.23
C ILE A 72 6.36 -4.23 -9.56
N PRO A 73 5.51 -3.53 -10.36
CA PRO A 73 4.59 -2.54 -9.76
C PRO A 73 3.46 -3.17 -8.93
N HIS A 74 3.29 -4.48 -9.05
CA HIS A 74 2.21 -5.18 -8.38
C HIS A 74 2.50 -5.87 -7.02
N ARG A 75 3.77 -5.94 -6.58
CA ARG A 75 4.10 -6.39 -5.21
C ARG A 75 3.48 -5.44 -4.20
N THR A 76 3.05 -5.98 -3.06
CA THR A 76 2.23 -5.24 -2.11
C THR A 76 2.49 -5.89 -0.76
N LEU A 77 2.46 -5.12 0.31
CA LEU A 77 2.69 -5.70 1.63
C LEU A 77 1.41 -6.35 2.20
N LEU A 78 1.37 -7.67 2.27
CA LEU A 78 0.28 -8.40 2.96
C LEU A 78 0.47 -8.46 4.47
N MET A 79 -0.64 -8.52 5.21
CA MET A 79 -0.64 -8.66 6.68
C MET A 79 -1.87 -9.48 7.18
N ASN A 80 -1.62 -10.55 7.92
CA ASN A 80 -2.68 -11.37 8.55
C ASN A 80 -2.27 -11.62 10.00
N GLU A 81 -3.18 -12.09 10.85
CA GLU A 81 -2.78 -12.67 12.12
C GLU A 81 -1.87 -13.89 11.91
N LEU A 82 -0.91 -14.11 12.81
CA LEU A 82 0.00 -15.24 12.66
C LEU A 82 -0.78 -16.56 12.60
N GLY A 83 -0.84 -17.19 11.43
CA GLY A 83 -1.41 -18.52 11.38
C GLY A 83 -2.51 -18.71 10.37
N VAL A 84 -3.27 -17.65 10.14
CA VAL A 84 -4.18 -17.60 8.99
C VAL A 84 -3.42 -17.22 7.70
N PRO A 85 -3.46 -18.11 6.68
CA PRO A 85 -2.61 -17.91 5.51
C PRO A 85 -3.17 -16.86 4.56
N PHE A 86 -2.34 -16.41 3.64
CA PHE A 86 -2.74 -15.35 2.72
C PHE A 86 -3.71 -15.86 1.65
N HIS A 87 -4.99 -15.79 2.01
CA HIS A 87 -6.12 -16.02 1.07
C HIS A 87 -6.56 -14.69 0.37
N LEU A 88 -7.63 -14.73 -0.44
CA LEU A 88 -8.19 -13.56 -1.12
C LEU A 88 -8.78 -12.51 -0.19
N GLY A 89 -9.09 -12.91 1.03
CA GLY A 89 -9.65 -11.95 1.95
C GLY A 89 -8.60 -11.17 2.71
N THR A 90 -7.38 -11.24 2.21
CA THR A 90 -6.23 -10.60 2.86
C THR A 90 -6.05 -9.13 2.42
N ARG A 91 -5.82 -8.25 3.40
CA ARG A 91 -5.49 -6.84 3.19
C ARG A 91 -4.06 -6.53 2.72
N GLN A 92 -3.96 -6.00 1.50
CA GLN A 92 -2.74 -5.39 0.99
C GLN A 92 -2.53 -4.02 1.67
N VAL A 93 -1.53 -3.92 2.53
CA VAL A 93 -1.37 -2.78 3.42
C VAL A 93 -0.63 -1.58 2.80
N CYS A 94 0.05 -1.81 1.66
CA CYS A 94 0.76 -0.74 0.95
C CYS A 94 1.39 -1.21 -0.37
N ILE A 95 1.94 -0.28 -1.17
CA ILE A 95 2.69 -0.67 -2.39
C ILE A 95 4.20 -0.87 -2.10
N ALA A 96 4.78 -2.01 -2.47
CA ALA A 96 6.12 -2.30 -1.98
C ALA A 96 6.78 -3.56 -2.55
N TRP A 97 8.01 -3.41 -3.05
CA TRP A 97 8.86 -4.60 -3.26
C TRP A 97 10.00 -4.72 -2.25
N SER A 98 9.84 -4.05 -1.12
CA SER A 98 10.82 -4.05 -0.06
C SER A 98 10.15 -3.32 1.08
N SER A 99 10.32 -3.81 2.31
CA SER A 99 9.50 -3.32 3.42
C SER A 99 10.04 -3.56 4.84
N SER A 100 9.33 -3.03 5.82
CA SER A 100 9.66 -3.27 7.21
C SER A 100 8.62 -2.63 8.14
N SER A 101 8.16 -3.40 9.13
CA SER A 101 7.05 -2.98 10.00
C SER A 101 7.38 -3.10 11.47
N CYS A 102 6.78 -2.26 12.27
CA CYS A 102 6.90 -2.37 13.70
C CYS A 102 5.86 -1.54 14.40
N HIS A 103 5.77 -1.69 15.69
CA HIS A 103 4.67 -1.13 16.42
C HIS A 103 5.24 -0.49 17.65
N ASP A 104 5.22 0.83 17.68
CA ASP A 104 5.82 1.60 18.77
C ASP A 104 5.19 1.40 20.13
N GLY A 105 4.04 0.73 20.11
CA GLY A 105 3.24 0.59 21.30
C GLY A 105 2.11 1.61 21.37
N LYS A 106 1.74 2.17 20.22
CA LYS A 106 0.45 2.86 20.07
C LYS A 106 -0.14 2.56 18.70
N ALA A 107 0.68 2.71 17.66
CA ALA A 107 0.29 2.31 16.31
C ALA A 107 1.33 1.49 15.55
N TRP A 108 0.97 1.07 14.34
CA TRP A 108 1.87 0.35 13.42
C TRP A 108 2.61 1.30 12.49
N LEU A 109 3.90 1.02 12.27
CA LEU A 109 4.70 1.63 11.19
C LEU A 109 5.02 0.65 10.05
N HIS A 110 4.89 1.12 8.81
CA HIS A 110 5.24 0.32 7.63
C HIS A 110 6.07 1.20 6.76
N VAL A 111 7.22 0.70 6.35
CA VAL A 111 8.02 1.42 5.38
C VAL A 111 8.00 0.62 4.11
N CYS A 112 7.47 1.26 3.07
CA CYS A 112 7.19 0.58 1.81
C CYS A 112 7.88 1.30 0.65
N ILE A 113 8.42 0.54 -0.29
CA ILE A 113 9.31 1.05 -1.32
C ILE A 113 8.90 0.48 -2.66
N THR A 114 8.28 1.30 -3.50
CA THR A 114 8.17 0.94 -4.92
C THR A 114 8.84 1.99 -5.79
N GLY A 115 8.89 1.68 -7.07
CA GLY A 115 9.31 2.67 -8.01
C GLY A 115 10.24 2.08 -9.03
N ASP A 116 10.82 2.99 -9.83
CA ASP A 116 11.89 2.63 -10.73
C ASP A 116 13.09 2.27 -9.90
N ASP A 117 13.87 1.29 -10.39
CA ASP A 117 15.05 0.81 -9.67
C ASP A 117 16.11 1.91 -9.49
N LYS A 118 16.18 2.79 -10.49
CA LYS A 118 17.06 3.97 -10.46
C LYS A 118 16.51 5.22 -9.73
N ASN A 119 15.19 5.29 -9.54
CA ASN A 119 14.64 6.36 -8.71
C ASN A 119 13.37 5.93 -7.93
N ALA A 120 13.49 4.83 -7.20
CA ALA A 120 12.47 4.42 -6.26
C ALA A 120 12.15 5.51 -5.22
N THR A 121 11.12 5.25 -4.43
CA THR A 121 10.66 6.16 -3.38
C THR A 121 10.07 5.30 -2.26
N ALA A 122 10.35 5.69 -1.03
CA ALA A 122 9.83 4.99 0.14
C ALA A 122 8.84 5.86 0.89
N SER A 123 7.62 5.35 1.00
CA SER A 123 6.55 6.00 1.77
C SER A 123 6.55 5.53 3.22
N PHE A 124 6.30 6.48 4.11
CA PHE A 124 6.18 6.17 5.53
C PHE A 124 4.74 6.32 6.07
N ILE A 125 4.14 5.15 6.27
CA ILE A 125 2.76 5.01 6.71
C ILE A 125 2.67 4.64 8.20
N TYR A 126 2.08 5.52 8.98
CA TYR A 126 1.95 5.32 10.42
C TYR A 126 0.55 5.63 10.89
N ASP A 127 -0.12 4.61 11.46
CA ASP A 127 -1.46 4.76 12.02
C ASP A 127 -2.48 5.15 10.97
N GLY A 128 -2.37 4.55 9.80
CA GLY A 128 -3.24 4.89 8.70
C GLY A 128 -2.67 5.89 7.71
N ARG A 129 -2.32 7.07 8.20
CA ARG A 129 -1.89 8.15 7.31
C ARG A 129 -0.49 7.93 6.79
N LEU A 130 -0.31 8.34 5.53
CA LEU A 130 1.00 8.59 4.93
C LEU A 130 1.56 9.84 5.54
N VAL A 131 2.59 9.70 6.36
CA VAL A 131 3.11 10.83 7.12
C VAL A 131 4.40 11.45 6.50
N ASP A 132 5.10 10.68 5.66
CA ASP A 132 6.39 11.10 5.09
C ASP A 132 6.83 10.26 3.89
N SER A 133 7.80 10.77 3.13
CA SER A 133 8.49 9.97 2.13
C SER A 133 9.92 10.45 1.82
N ILE A 134 10.65 9.60 1.12
CA ILE A 134 12.01 9.90 0.70
C ILE A 134 12.27 9.31 -0.68
N GLY A 135 13.14 9.97 -1.44
CA GLY A 135 13.62 9.39 -2.68
C GLY A 135 14.98 8.69 -2.56
N SER A 136 15.29 7.98 -3.64
CA SER A 136 16.51 7.19 -3.83
C SER A 136 17.78 8.07 -3.90
N TRP A 137 18.67 7.96 -2.89
CA TRP A 137 19.86 8.81 -2.82
C TRP A 137 20.99 8.39 -3.73
N SER A 138 21.06 7.14 -4.10
CA SER A 138 22.21 6.71 -4.88
C SER A 138 21.73 6.24 -6.20
N GLN A 139 20.43 6.36 -6.46
CA GLN A 139 19.91 5.95 -7.76
C GLN A 139 20.24 4.50 -8.09
N ASN A 140 20.43 3.66 -7.07
CA ASN A 140 20.51 2.22 -7.32
C ASN A 140 19.88 1.32 -6.28
N ILE A 141 18.85 0.61 -6.76
CA ILE A 141 17.79 -0.04 -5.96
C ILE A 141 17.70 0.18 -4.44
N LEU A 142 17.03 1.25 -4.03
CA LEU A 142 16.76 1.56 -2.62
C LEU A 142 16.04 0.37 -1.95
N ARG A 143 16.58 -0.09 -0.83
CA ARG A 143 16.13 -1.34 -0.26
C ARG A 143 16.22 -1.33 1.26
N THR A 144 15.43 -2.16 1.91
CA THR A 144 15.40 -2.19 3.37
C THR A 144 15.34 -3.65 4.00
N GLN A 145 15.05 -3.72 5.30
CA GLN A 145 15.29 -4.89 6.12
C GLN A 145 14.65 -6.20 5.67
N GLU A 146 13.37 -6.14 5.30
CA GLU A 146 12.61 -7.34 4.97
C GLU A 146 12.34 -8.14 6.27
N SER A 147 12.25 -7.38 7.36
CA SER A 147 11.96 -7.89 8.67
C SER A 147 11.60 -6.73 9.58
N GLU A 148 11.28 -7.04 10.82
CA GLU A 148 10.90 -6.12 11.90
C GLU A 148 11.92 -4.98 12.23
N CYS A 149 11.43 -3.73 12.23
CA CYS A 149 12.07 -2.62 12.91
C CYS A 149 11.83 -2.65 14.43
N VAL A 150 12.42 -1.71 15.15
CA VAL A 150 12.23 -1.59 16.59
C VAL A 150 12.20 -0.13 17.11
N CYS A 151 11.32 0.07 18.09
CA CYS A 151 10.95 1.40 18.58
C CYS A 151 11.10 1.40 20.11
N ILE A 152 11.81 2.41 20.63
CA ILE A 152 11.96 2.63 22.07
C ILE A 152 11.51 4.04 22.44
N ASN A 153 10.39 4.14 23.16
CA ASN A 153 9.86 5.42 23.64
C ASN A 153 9.16 6.30 22.59
N GLY A 154 8.78 5.71 21.45
CA GLY A 154 8.20 6.47 20.37
C GLY A 154 9.17 6.95 19.29
N THR A 155 10.45 6.56 19.38
CA THR A 155 11.37 6.65 18.23
C THR A 155 11.65 5.29 17.62
N CYS A 156 11.27 5.11 16.36
CA CYS A 156 11.60 3.86 15.67
C CYS A 156 12.86 4.00 14.88
N THR A 157 13.33 2.89 14.34
CA THR A 157 14.61 2.81 13.64
C THR A 157 14.40 1.81 12.51
N VAL A 158 14.69 2.23 11.29
CA VAL A 158 14.94 1.31 10.19
C VAL A 158 16.32 1.60 9.61
N VAL A 159 16.95 0.61 9.02
CA VAL A 159 18.19 0.87 8.33
C VAL A 159 17.99 0.54 6.85
N MET A 160 18.46 1.41 5.96
CA MET A 160 18.22 1.21 4.51
C MET A 160 19.47 1.40 3.70
N THR A 161 19.48 0.81 2.51
CA THR A 161 20.66 0.86 1.69
C THR A 161 20.37 1.06 0.19
N ASP A 162 21.01 2.10 -0.31
CA ASP A 162 20.98 2.42 -1.73
C ASP A 162 22.40 2.26 -2.28
N GLY A 163 22.54 1.63 -3.43
CA GLY A 163 23.87 1.52 -3.98
C GLY A 163 24.07 0.18 -4.62
N SER A 164 25.32 -0.26 -4.69
CA SER A 164 25.65 -1.57 -5.26
C SER A 164 25.56 -2.77 -4.25
N ALA A 165 24.98 -3.88 -4.69
CA ALA A 165 24.90 -5.08 -3.87
C ALA A 165 26.31 -5.73 -3.76
N SER A 166 26.92 -5.90 -4.94
CA SER A 166 28.27 -6.46 -5.05
C SER A 166 29.29 -5.34 -5.29
N GLY A 167 29.37 -4.42 -4.33
CA GLY A 167 30.33 -3.35 -4.41
C GLY A 167 30.09 -2.40 -3.24
N ARG A 168 30.90 -1.36 -3.11
CA ARG A 168 30.54 -0.32 -2.16
C ARG A 168 29.10 0.26 -2.46
N ALA A 169 28.34 0.50 -1.40
CA ALA A 169 27.01 1.09 -1.49
C ALA A 169 26.76 2.02 -0.30
N ASP A 170 25.57 2.59 -0.22
CA ASP A 170 25.33 3.76 0.63
C ASP A 170 24.24 3.47 1.65
N THR A 171 24.66 3.32 2.90
CA THR A 171 23.82 2.79 3.96
C THR A 171 23.61 3.85 5.02
N ARG A 172 22.34 4.18 5.27
CA ARG A 172 22.00 5.11 6.35
C ARG A 172 21.01 4.52 7.38
N ILE A 173 20.86 5.21 8.50
CA ILE A 173 19.97 4.77 9.57
C ILE A 173 18.99 5.87 9.96
N LEU A 174 17.72 5.57 9.76
CA LEU A 174 16.66 6.53 9.92
C LEU A 174 16.02 6.44 11.30
N PHE A 175 15.80 7.61 11.88
CA PHE A 175 15.08 7.73 13.14
C PHE A 175 13.76 8.49 12.90
N ILE A 176 12.66 7.87 13.29
CA ILE A 176 11.37 8.31 12.79
C ILE A 176 10.33 8.28 13.87
N GLU A 177 9.69 9.43 14.09
CA GLU A 177 8.73 9.56 15.18
C GLU A 177 7.34 9.87 14.63
N GLU A 178 6.36 9.04 14.99
CA GLU A 178 5.05 9.05 14.37
C GLU A 178 4.99 9.16 12.86
N GLY A 179 5.82 8.41 12.15
CA GLY A 179 5.85 8.49 10.69
C GLY A 179 6.69 9.61 10.05
N LYS A 180 7.19 10.53 10.87
CA LYS A 180 8.13 11.58 10.43
C LYS A 180 9.59 11.25 10.65
N ILE A 181 10.38 11.23 9.57
CA ILE A 181 11.83 11.22 9.65
C ILE A 181 12.38 12.41 10.47
N VAL A 182 12.95 12.12 11.62
CA VAL A 182 13.48 13.15 12.51
C VAL A 182 15.02 13.15 12.62
N HIS A 183 15.69 12.21 11.95
CA HIS A 183 17.15 12.16 11.93
C HIS A 183 17.58 11.10 10.95
N ILE A 184 18.62 11.39 10.18
CA ILE A 184 19.32 10.36 9.38
C ILE A 184 20.82 10.37 9.75
N SER A 185 21.34 9.15 10.01
CA SER A 185 22.75 8.91 10.31
C SER A 185 23.34 7.94 9.30
N PRO A 186 24.59 8.17 8.89
CA PRO A 186 25.24 7.22 8.00
C PRO A 186 25.97 6.14 8.79
N LEU A 187 26.17 5.01 8.14
CA LEU A 187 26.99 3.96 8.69
C LEU A 187 28.42 4.41 9.10
N ALA A 188 28.82 4.04 10.32
CA ALA A 188 30.23 4.07 10.74
C ALA A 188 30.80 2.66 11.11
N GLY A 189 31.84 2.59 11.97
CA GLY A 189 32.48 1.33 12.30
C GLY A 189 33.11 0.63 11.11
N SER A 190 33.27 -0.68 11.16
CA SER A 190 34.07 -1.41 10.15
C SER A 190 33.36 -2.25 9.07
N ALA A 191 32.03 -2.17 8.97
CA ALA A 191 31.31 -3.10 8.11
C ALA A 191 31.32 -2.77 6.59
N GLN A 192 32.17 -3.45 5.85
CA GLN A 192 32.21 -3.34 4.38
C GLN A 192 30.92 -3.37 3.55
N HIS A 193 29.86 -3.98 4.09
CA HIS A 193 28.61 -4.13 3.32
C HIS A 193 27.50 -4.66 4.22
N VAL A 194 26.36 -3.96 4.19
CA VAL A 194 25.32 -4.12 5.19
C VAL A 194 23.90 -4.13 4.56
N GLU A 195 23.58 -5.17 3.81
CA GLU A 195 22.20 -5.43 3.37
C GLU A 195 21.30 -6.17 4.42
N GLU A 196 19.98 -6.15 4.19
CA GLU A 196 18.95 -6.99 4.86
C GLU A 196 19.07 -7.23 6.38
N CYS A 197 19.08 -6.18 7.19
CA CYS A 197 19.37 -6.35 8.60
C CYS A 197 18.27 -7.02 9.40
N SER A 198 18.68 -7.75 10.44
CA SER A 198 17.73 -8.31 11.39
C SER A 198 17.98 -7.62 12.72
N CYS A 199 17.10 -6.71 13.11
CA CYS A 199 17.37 -5.87 14.27
C CYS A 199 16.56 -6.25 15.51
N TYR A 200 16.93 -5.72 16.67
CA TYR A 200 16.28 -6.12 17.92
C TYR A 200 16.65 -5.27 19.15
N PRO A 201 15.79 -5.25 20.18
CA PRO A 201 16.02 -4.28 21.24
C PRO A 201 16.90 -4.76 22.42
N ARG A 202 18.21 -4.72 22.22
CA ARG A 202 19.14 -4.83 23.32
C ARG A 202 19.16 -3.55 24.18
N TYR A 203 18.17 -3.44 25.05
CA TYR A 203 17.68 -2.17 25.56
C TYR A 203 18.35 -0.97 24.96
N PRO A 204 19.17 -0.22 25.72
CA PRO A 204 19.16 1.24 25.44
C PRO A 204 19.47 1.61 23.98
N GLY A 205 19.99 0.64 23.24
CA GLY A 205 20.04 0.74 21.79
C GLY A 205 19.51 -0.47 21.02
N VAL A 206 19.80 -0.50 19.75
CA VAL A 206 19.29 -1.57 18.92
C VAL A 206 20.48 -2.27 18.29
N ARG A 207 20.35 -3.57 18.05
CA ARG A 207 21.39 -4.31 17.37
C ARG A 207 20.85 -5.12 16.19
N CYS A 208 21.57 -5.04 15.09
CA CYS A 208 21.22 -5.75 13.85
C CYS A 208 22.34 -6.72 13.43
N ILE A 209 21.95 -7.91 13.01
CA ILE A 209 22.88 -8.80 12.29
C ILE A 209 22.44 -8.90 10.84
N CYS A 210 23.33 -8.45 9.96
CA CYS A 210 22.97 -8.05 8.61
C CYS A 210 23.62 -8.95 7.58
N ARG A 211 23.55 -8.57 6.31
CA ARG A 211 24.03 -9.42 5.23
C ARG A 211 25.06 -8.70 4.33
N ASP A 212 26.22 -9.33 4.11
CA ASP A 212 27.29 -8.82 3.24
C ASP A 212 27.31 -9.63 1.92
N ASN A 213 27.08 -8.88 0.84
CA ASN A 213 27.05 -9.42 -0.52
C ASN A 213 28.34 -9.34 -1.30
N TRP A 214 29.25 -8.56 -0.75
CA TRP A 214 30.45 -8.21 -1.47
C TRP A 214 31.62 -9.04 -1.00
N LYS A 215 32.18 -8.68 0.16
CA LYS A 215 33.43 -9.30 0.57
C LYS A 215 33.38 -10.36 1.71
N GLY A 216 32.18 -10.66 2.21
CA GLY A 216 32.04 -11.42 3.46
C GLY A 216 31.04 -12.58 3.52
N SER A 217 31.46 -13.66 4.19
CA SER A 217 30.56 -14.75 4.59
C SER A 217 30.35 -14.84 6.09
N ASN A 218 31.25 -14.23 6.86
CA ASN A 218 30.89 -13.78 8.20
C ASN A 218 29.82 -12.67 8.08
N ARG A 219 28.96 -12.54 9.09
CA ARG A 219 27.83 -11.59 9.07
C ARG A 219 28.17 -10.30 9.77
N PRO A 220 27.62 -9.16 9.28
CA PRO A 220 27.89 -7.84 9.87
C PRO A 220 27.16 -7.59 11.17
N VAL A 221 27.57 -6.55 11.85
CA VAL A 221 26.89 -6.08 13.05
C VAL A 221 26.75 -4.57 12.97
N VAL A 222 25.64 -4.05 13.45
CA VAL A 222 25.31 -2.66 13.27
C VAL A 222 24.68 -2.18 14.56
N ASP A 223 25.50 -1.60 15.42
CA ASP A 223 25.00 -1.03 16.66
C ASP A 223 24.47 0.41 16.54
N ILE A 224 23.29 0.64 17.11
CA ILE A 224 22.57 1.92 17.03
C ILE A 224 22.25 2.49 18.41
N ASN A 225 22.84 3.63 18.74
CA ASN A 225 22.59 4.30 20.02
C ASN A 225 21.34 5.16 19.86
N MET A 226 20.33 4.85 20.66
CA MET A 226 19.04 5.48 20.45
C MET A 226 19.01 6.93 20.94
N GLU A 227 19.96 7.27 21.79
CA GLU A 227 19.92 8.54 22.53
C GLU A 227 20.56 9.73 21.79
N ASP A 228 21.71 9.51 21.14
CA ASP A 228 22.35 10.57 20.41
C ASP A 228 22.54 10.23 18.95
N TYR A 229 22.06 9.05 18.57
CA TYR A 229 22.08 8.68 17.15
C TYR A 229 23.43 8.18 16.59
N SER A 230 24.43 7.95 17.45
CA SER A 230 25.68 7.25 17.06
C SER A 230 25.44 5.88 16.41
N ILE A 231 26.37 5.44 15.58
CA ILE A 231 26.32 4.10 14.98
C ILE A 231 27.70 3.43 15.16
N ASP A 232 27.71 2.11 15.26
CA ASP A 232 28.95 1.37 15.20
C ASP A 232 28.64 0.15 14.33
N SER A 233 29.65 -0.39 13.67
CA SER A 233 29.49 -1.63 12.91
C SER A 233 30.75 -2.53 12.92
N SER A 234 30.52 -3.84 13.02
CA SER A 234 31.59 -4.87 12.99
C SER A 234 31.11 -6.15 12.34
N TYR A 235 31.85 -7.23 12.51
CA TYR A 235 31.34 -8.58 12.16
C TYR A 235 31.27 -9.47 13.40
N VAL A 236 30.43 -10.48 13.33
CA VAL A 236 30.29 -11.44 14.43
C VAL A 236 31.64 -12.17 14.66
N CYS A 237 32.06 -12.29 15.92
CA CYS A 237 33.33 -12.97 16.25
C CYS A 237 33.50 -14.42 15.78
N SER A 238 32.43 -15.20 15.92
CA SER A 238 32.42 -16.64 15.70
C SER A 238 33.00 -17.07 14.35
N GLY A 239 33.78 -18.14 14.35
CA GLY A 239 34.37 -18.64 13.12
C GLY A 239 33.51 -19.70 12.51
N LEU A 240 32.36 -19.93 13.15
CA LEU A 240 31.31 -20.81 12.64
C LEU A 240 30.55 -20.21 11.47
N VAL A 241 30.08 -18.99 11.62
CA VAL A 241 29.87 -18.15 10.43
C VAL A 241 28.53 -18.41 9.72
N GLY A 242 27.86 -17.31 9.37
CA GLY A 242 26.41 -17.31 9.19
C GLY A 242 25.78 -17.27 7.80
N ASP A 243 26.58 -16.98 6.78
CA ASP A 243 26.04 -16.68 5.46
C ASP A 243 25.97 -17.95 4.61
N THR A 244 25.23 -17.88 3.51
CA THR A 244 25.36 -18.83 2.38
C THR A 244 25.51 -18.02 1.06
N PRO A 245 26.52 -18.36 0.20
CA PRO A 245 27.54 -19.43 0.35
C PRO A 245 28.61 -19.17 1.37
N ARG A 246 29.22 -20.26 1.83
CA ARG A 246 30.31 -20.15 2.77
C ARG A 246 31.29 -21.29 2.60
N ASN A 247 32.30 -21.33 3.47
CA ASN A 247 33.54 -22.08 3.21
C ASN A 247 33.68 -23.49 3.81
N ASP A 248 33.03 -23.71 4.96
CA ASP A 248 32.99 -24.98 5.74
C ASP A 248 33.90 -24.95 6.96
N ASP A 249 33.43 -25.53 8.05
CA ASP A 249 33.83 -25.04 9.36
C ASP A 249 35.21 -25.55 9.78
N ARG A 250 35.77 -26.45 8.98
CA ARG A 250 37.22 -26.65 9.04
C ARG A 250 37.91 -25.37 8.55
N SER A 251 37.56 -24.94 7.33
CA SER A 251 38.26 -23.85 6.65
C SER A 251 37.54 -22.50 6.70
N SER A 252 36.93 -22.18 7.84
CA SER A 252 36.12 -20.95 8.02
C SER A 252 36.84 -19.99 8.95
N ASN A 253 36.50 -18.71 8.89
CA ASN A 253 37.22 -17.70 9.68
C ASN A 253 36.41 -16.42 9.91
N SER A 254 36.67 -15.80 11.05
CA SER A 254 36.25 -14.41 11.25
C SER A 254 37.04 -13.83 12.39
N ASN A 255 37.34 -12.53 12.30
CA ASN A 255 38.07 -11.84 13.36
C ASN A 255 37.25 -10.79 14.07
N CYS A 256 35.95 -10.76 13.77
CA CYS A 256 35.03 -9.76 14.32
C CYS A 256 35.18 -8.32 13.78
N ARG A 257 36.05 -8.12 12.79
CA ARG A 257 36.48 -6.77 12.41
C ARG A 257 36.27 -6.48 10.93
N ASP A 258 36.72 -7.39 10.09
CA ASP A 258 36.79 -7.14 8.66
C ASP A 258 36.04 -8.26 7.93
N PRO A 259 35.62 -8.05 6.66
CA PRO A 259 35.08 -9.20 5.92
C PRO A 259 36.16 -10.26 5.79
N ASN A 260 35.80 -11.42 5.28
CA ASN A 260 36.70 -12.56 5.39
C ASN A 260 37.18 -13.08 4.05
N ASN A 261 36.65 -12.50 2.97
CA ASN A 261 36.90 -12.98 1.62
C ASN A 261 36.91 -14.51 1.52
N GLU A 262 35.81 -15.14 1.95
CA GLU A 262 35.68 -16.60 1.83
C GLU A 262 34.35 -16.97 1.19
N ARG A 263 34.38 -17.18 -0.13
CA ARG A 263 33.16 -17.14 -0.94
C ARG A 263 32.32 -15.90 -0.51
N GLY A 264 32.95 -14.72 -0.56
CA GLY A 264 32.59 -13.62 0.32
C GLY A 264 31.44 -12.78 -0.20
N THR A 265 31.12 -12.94 -1.48
CA THR A 265 30.01 -12.21 -2.05
C THR A 265 28.68 -12.85 -1.65
N GLN A 266 27.80 -13.08 -2.64
CA GLN A 266 26.37 -13.13 -2.46
C GLN A 266 25.87 -13.11 -1.01
N GLY A 267 24.86 -13.93 -0.74
CA GLY A 267 24.41 -14.12 0.63
C GLY A 267 22.98 -14.52 0.82
N VAL A 268 22.49 -14.42 2.05
CA VAL A 268 21.08 -14.62 2.37
C VAL A 268 20.79 -13.83 3.62
N LYS A 269 19.54 -13.39 3.77
CA LYS A 269 19.06 -12.90 5.06
C LYS A 269 19.07 -14.00 6.14
N GLY A 270 19.62 -13.65 7.29
CA GLY A 270 19.80 -14.55 8.42
C GLY A 270 19.90 -13.69 9.68
N TRP A 271 20.11 -14.32 10.83
CA TRP A 271 20.01 -13.61 12.11
C TRP A 271 21.01 -14.14 13.12
N ALA A 272 21.21 -13.39 14.20
CA ALA A 272 21.89 -13.88 15.39
C ALA A 272 21.65 -12.98 16.60
N PHE A 273 22.12 -13.41 17.77
CA PHE A 273 22.07 -12.58 18.97
C PHE A 273 22.93 -13.04 20.15
N ASP A 274 23.53 -12.06 20.80
CA ASP A 274 24.48 -12.31 21.87
C ASP A 274 23.78 -12.81 23.13
N ASN A 275 24.49 -13.60 23.93
CA ASN A 275 24.05 -13.85 25.29
C ASN A 275 25.25 -13.78 26.24
N GLY A 276 25.37 -12.67 26.97
CA GLY A 276 26.66 -12.36 27.58
C GLY A 276 27.74 -12.42 26.51
N ASN A 277 28.44 -13.55 26.49
CA ASN A 277 29.67 -13.70 25.71
C ASN A 277 29.39 -14.62 24.53
N ASP A 278 28.25 -15.27 24.60
CA ASP A 278 27.88 -16.35 23.70
C ASP A 278 26.98 -15.90 22.56
N LEU A 279 26.81 -16.78 21.59
CA LEU A 279 25.99 -16.48 20.45
C LEU A 279 25.04 -17.62 20.08
N TRP A 280 23.75 -17.32 20.04
CA TRP A 280 22.78 -18.22 19.40
C TRP A 280 22.65 -17.79 17.94
N MET A 281 22.62 -18.76 17.03
CA MET A 281 22.56 -18.46 15.62
C MET A 281 21.90 -19.58 14.84
N GLY A 282 21.28 -19.25 13.71
CA GLY A 282 20.84 -20.30 12.81
C GLY A 282 21.47 -20.12 11.44
N ARG A 283 21.36 -21.14 10.60
CA ARG A 283 21.86 -21.02 9.25
C ARG A 283 21.38 -22.20 8.43
N THR A 284 21.59 -22.16 7.12
CA THR A 284 21.26 -23.32 6.30
C THR A 284 22.14 -24.48 6.68
N ILE A 285 21.66 -25.68 6.44
CA ILE A 285 22.53 -26.80 6.69
C ILE A 285 23.58 -26.93 5.56
N SER A 286 23.21 -26.50 4.36
CA SER A 286 24.12 -26.46 3.21
C SER A 286 25.01 -25.22 3.14
N LYS A 287 26.30 -25.41 2.90
CA LYS A 287 27.22 -24.29 2.66
C LYS A 287 27.03 -23.71 1.28
N ASP A 288 26.47 -24.50 0.39
CA ASP A 288 26.32 -24.14 -1.01
C ASP A 288 24.92 -23.59 -1.41
N LEU A 289 23.89 -24.45 -1.41
CA LEU A 289 22.51 -23.99 -1.65
C LEU A 289 21.77 -23.52 -0.37
N ARG A 290 20.57 -22.95 -0.57
CA ARG A 290 19.75 -22.44 0.53
C ARG A 290 18.85 -23.56 1.06
N SER A 291 19.48 -24.65 1.54
CA SER A 291 18.78 -25.88 1.93
C SER A 291 19.01 -26.26 3.37
N GLY A 292 17.96 -26.78 4.02
CA GLY A 292 18.01 -27.09 5.44
C GLY A 292 18.05 -25.86 6.34
N TYR A 293 17.73 -26.02 7.61
CA TYR A 293 18.02 -24.98 8.57
C TYR A 293 18.39 -25.59 9.90
N GLU A 294 19.33 -24.95 10.58
CA GLU A 294 19.84 -25.43 11.83
C GLU A 294 20.15 -24.26 12.72
N THR A 295 19.85 -24.42 13.99
CA THR A 295 20.29 -23.51 15.05
C THR A 295 21.27 -24.22 16.01
N PHE A 296 22.08 -23.42 16.72
CA PHE A 296 22.95 -23.89 17.82
C PHE A 296 23.48 -22.71 18.59
N LYS A 297 24.08 -22.99 19.74
CA LYS A 297 24.85 -21.98 20.44
C LYS A 297 26.36 -22.18 20.21
N VAL A 298 27.06 -21.09 19.91
CA VAL A 298 28.53 -21.06 19.96
C VAL A 298 29.01 -20.50 21.30
N ILE A 299 29.81 -21.30 22.00
CA ILE A 299 30.45 -20.80 23.18
C ILE A 299 31.53 -19.82 22.74
N GLY A 300 31.50 -18.61 23.32
CA GLY A 300 32.41 -17.55 22.91
C GLY A 300 32.13 -16.86 21.59
N GLY A 301 31.15 -17.34 20.82
CA GLY A 301 30.82 -16.77 19.52
C GLY A 301 30.67 -15.26 19.47
N TRP A 302 30.33 -14.65 20.60
CA TRP A 302 30.21 -13.20 20.65
C TRP A 302 31.56 -12.49 20.87
N SER A 303 32.32 -13.00 21.84
CA SER A 303 33.47 -12.29 22.39
C SER A 303 34.83 -12.63 21.79
N THR A 304 34.98 -13.82 21.26
CA THR A 304 36.33 -14.23 20.96
C THR A 304 36.54 -14.64 19.53
N PRO A 305 37.66 -14.15 18.95
CA PRO A 305 37.75 -13.74 17.57
C PRO A 305 37.75 -14.87 16.55
N ASN A 306 37.22 -16.04 16.91
CA ASN A 306 37.11 -17.13 15.91
C ASN A 306 36.54 -18.44 16.47
N SER A 307 35.94 -18.35 17.66
CA SER A 307 35.36 -19.49 18.33
C SER A 307 34.57 -20.44 17.44
N LYS A 308 34.95 -21.71 17.47
CA LYS A 308 34.21 -22.73 16.76
C LYS A 308 33.66 -23.81 17.71
N SER A 309 33.37 -23.41 18.95
CA SER A 309 32.79 -24.31 19.95
C SER A 309 31.25 -24.28 20.05
N GLN A 310 30.58 -25.22 19.38
CA GLN A 310 29.13 -25.24 19.37
C GLN A 310 28.43 -26.29 20.24
N ILE A 311 27.49 -25.82 21.07
CA ILE A 311 26.57 -26.68 21.84
C ILE A 311 25.09 -26.45 21.38
N ASN A 312 24.12 -27.09 22.08
CA ASN A 312 22.65 -27.03 21.83
C ASN A 312 22.08 -27.02 20.42
N ARG A 313 22.68 -27.75 19.48
CA ARG A 313 22.24 -27.68 18.08
C ARG A 313 20.72 -27.99 17.94
N GLN A 314 20.14 -27.65 16.78
CA GLN A 314 18.80 -28.11 16.41
C GLN A 314 18.59 -28.09 14.91
N VAL A 315 18.03 -29.15 14.36
CA VAL A 315 17.66 -29.22 12.95
C VAL A 315 16.19 -28.84 12.74
N ILE A 316 15.95 -27.65 12.21
CA ILE A 316 14.59 -27.15 12.10
C ILE A 316 14.00 -27.62 10.79
N VAL A 317 14.82 -27.65 9.74
CA VAL A 317 14.49 -28.32 8.48
C VAL A 317 15.65 -29.23 8.04
N ASP A 318 15.33 -30.45 7.60
CA ASP A 318 16.39 -31.39 7.25
C ASP A 318 17.13 -31.04 5.97
N SER A 319 18.35 -31.53 5.91
CA SER A 319 19.23 -31.43 4.75
C SER A 319 18.50 -31.62 3.40
N ASP A 320 17.61 -32.57 3.33
CA ASP A 320 17.07 -32.93 2.04
C ASP A 320 15.90 -32.03 1.59
N ASN A 321 15.70 -30.96 2.36
CA ASN A 321 14.64 -29.99 2.07
C ASN A 321 15.13 -28.55 1.86
N ARG A 322 14.40 -27.78 1.03
CA ARG A 322 14.66 -26.35 0.78
C ARG A 322 14.27 -25.38 1.92
N SER A 323 15.09 -24.35 2.12
CA SER A 323 14.65 -23.18 2.90
C SER A 323 14.83 -21.85 2.12
N GLY A 324 15.06 -20.75 2.83
CA GLY A 324 15.55 -19.52 2.21
C GLY A 324 15.89 -18.45 3.22
N TYR A 325 15.18 -17.33 3.17
CA TYR A 325 15.37 -16.25 4.13
C TYR A 325 14.99 -16.66 5.55
N SER A 326 15.05 -15.69 6.45
CA SER A 326 15.04 -15.94 7.88
C SER A 326 15.36 -14.65 8.63
N GLY A 327 14.86 -14.54 9.84
CA GLY A 327 15.10 -13.34 10.60
C GLY A 327 14.57 -13.53 12.00
N ILE A 328 14.67 -12.47 12.78
CA ILE A 328 14.36 -12.56 14.20
C ILE A 328 13.14 -11.64 14.50
N PHE A 329 12.41 -11.98 15.56
CA PHE A 329 11.43 -11.09 16.21
C PHE A 329 11.44 -11.25 17.74
N SER A 330 11.12 -10.17 18.45
CA SER A 330 11.24 -10.13 19.90
C SER A 330 9.89 -9.92 20.54
N VAL A 331 9.54 -10.71 21.54
CA VAL A 331 8.29 -10.47 22.24
C VAL A 331 8.45 -10.38 23.75
N GLU A 332 7.95 -9.30 24.33
CA GLU A 332 8.15 -9.08 25.76
C GLU A 332 7.24 -9.92 26.67
N GLY A 333 7.85 -10.69 27.57
CA GLY A 333 7.10 -11.47 28.55
C GLY A 333 6.85 -10.64 29.80
N LYS A 334 6.40 -11.29 30.88
CA LYS A 334 5.99 -10.60 32.13
C LYS A 334 7.17 -10.05 32.90
N SER A 335 8.32 -10.70 32.69
CA SER A 335 9.53 -10.44 33.47
C SER A 335 10.77 -10.16 32.58
N CYS A 336 10.95 -10.99 31.57
CA CYS A 336 12.04 -10.78 30.63
C CYS A 336 11.46 -10.54 29.24
N ILE A 337 12.32 -10.26 28.25
CA ILE A 337 11.88 -10.23 26.86
C ILE A 337 12.58 -11.31 26.01
N ASN A 338 11.76 -11.97 25.20
CA ASN A 338 12.16 -13.16 24.49
C ASN A 338 12.44 -12.93 23.01
N ARG A 339 13.19 -13.84 22.42
CA ARG A 339 13.66 -13.67 21.08
C ARG A 339 13.15 -14.89 20.33
N CYS A 340 12.54 -14.65 19.17
CA CYS A 340 11.96 -15.72 18.33
C CYS A 340 12.42 -15.45 16.90
N PHE A 341 12.09 -16.37 15.98
CA PHE A 341 12.57 -16.29 14.59
C PHE A 341 11.66 -17.09 13.64
N TYR A 342 11.76 -16.79 12.34
CA TYR A 342 10.96 -17.46 11.33
C TYR A 342 11.91 -17.83 10.22
N VAL A 343 11.54 -18.79 9.39
CA VAL A 343 12.31 -19.07 8.19
C VAL A 343 11.39 -19.21 6.97
N GLU A 344 11.74 -18.53 5.89
CA GLU A 344 10.98 -18.62 4.65
C GLU A 344 11.37 -19.92 3.95
N LEU A 345 10.39 -20.80 3.72
CA LEU A 345 10.62 -21.99 2.89
C LEU A 345 10.10 -21.82 1.46
N ILE A 346 11.02 -21.55 0.54
CA ILE A 346 10.65 -21.22 -0.83
C ILE A 346 10.63 -22.44 -1.79
N ARG A 347 9.62 -22.45 -2.66
CA ARG A 347 9.36 -23.54 -3.60
C ARG A 347 9.33 -23.06 -5.03
N GLY A 348 9.18 -24.00 -5.95
CA GLY A 348 9.24 -23.67 -7.37
C GLY A 348 10.53 -23.05 -7.92
N ARG A 349 10.36 -22.24 -8.95
CA ARG A 349 11.40 -22.03 -9.95
C ARG A 349 12.64 -21.26 -9.58
N LYS A 350 13.42 -21.05 -10.64
CA LYS A 350 14.83 -21.43 -10.71
C LYS A 350 14.98 -22.91 -10.44
N GLN A 351 15.04 -23.28 -9.17
CA GLN A 351 15.46 -24.63 -8.81
C GLN A 351 14.54 -25.73 -9.31
N GLU A 352 13.38 -25.82 -8.70
CA GLU A 352 12.36 -26.73 -9.20
C GLU A 352 11.70 -26.09 -10.44
N THR A 353 11.67 -26.84 -11.52
CA THR A 353 11.26 -26.27 -12.79
C THR A 353 10.10 -26.97 -13.45
N ARG A 354 9.56 -27.99 -12.77
CA ARG A 354 8.37 -28.68 -13.31
C ARG A 354 7.24 -27.68 -13.49
N VAL A 355 7.24 -26.67 -12.62
CA VAL A 355 6.28 -25.56 -12.59
C VAL A 355 6.99 -24.21 -12.94
N TRP A 356 6.21 -23.15 -13.16
CA TRP A 356 6.72 -21.87 -13.69
C TRP A 356 6.67 -20.72 -12.71
N TRP A 357 6.14 -20.96 -11.51
CA TRP A 357 5.96 -19.92 -10.49
C TRP A 357 7.02 -19.94 -9.38
N THR A 358 7.00 -18.92 -8.52
CA THR A 358 7.83 -18.94 -7.32
C THR A 358 7.12 -18.36 -6.08
N SER A 359 6.92 -19.19 -5.07
CA SER A 359 6.30 -18.74 -3.82
C SER A 359 7.05 -19.35 -2.64
N ASN A 360 6.62 -19.07 -1.42
CA ASN A 360 7.11 -19.81 -0.24
C ASN A 360 6.02 -20.24 0.77
N SER A 361 6.44 -20.88 1.87
CA SER A 361 5.62 -20.96 3.09
C SER A 361 6.47 -20.58 4.30
N ILE A 362 5.93 -20.76 5.50
CA ILE A 362 6.73 -20.51 6.71
C ILE A 362 6.54 -21.47 7.91
N VAL A 363 7.48 -21.38 8.83
CA VAL A 363 7.52 -22.15 10.07
C VAL A 363 8.13 -21.15 11.06
N VAL A 364 7.66 -21.15 12.30
CA VAL A 364 8.22 -20.23 13.30
C VAL A 364 8.40 -20.92 14.68
N PHE A 365 9.53 -20.62 15.31
CA PHE A 365 9.92 -21.19 16.58
C PHE A 365 10.20 -20.06 17.54
N CYS A 366 9.95 -20.30 18.81
CA CYS A 366 10.28 -19.31 19.84
C CYS A 366 11.21 -19.84 20.90
N GLY A 367 12.01 -18.94 21.47
CA GLY A 367 12.93 -19.35 22.50
C GLY A 367 12.28 -19.98 23.72
N THR A 368 12.65 -21.21 24.02
CA THR A 368 12.27 -21.75 25.33
C THR A 368 13.40 -21.86 26.34
N SER A 369 13.03 -21.61 27.59
CA SER A 369 13.88 -21.96 28.73
C SER A 369 13.56 -23.33 29.34
N GLY A 370 12.70 -24.11 28.71
CA GLY A 370 12.47 -25.47 29.17
C GLY A 370 13.03 -26.58 28.29
N THR A 371 12.41 -27.76 28.37
CA THR A 371 12.89 -28.99 27.73
C THR A 371 12.34 -29.03 26.31
N TYR A 372 12.89 -29.90 25.47
CA TYR A 372 12.40 -30.05 24.11
C TYR A 372 12.94 -31.33 23.47
N GLY A 373 12.36 -31.74 22.37
CA GLY A 373 12.76 -32.99 21.76
C GLY A 373 13.48 -32.74 20.45
N THR A 374 13.07 -33.46 19.40
CA THR A 374 13.75 -33.50 18.11
C THR A 374 12.71 -33.72 16.98
N GLY A 375 12.96 -33.06 15.84
CA GLY A 375 12.10 -33.17 14.66
C GLY A 375 12.63 -32.40 13.44
N SER A 376 11.76 -32.15 12.46
CA SER A 376 12.09 -31.36 11.26
C SER A 376 10.83 -31.06 10.47
N TRP A 377 10.55 -29.78 10.27
CA TRP A 377 9.23 -29.33 9.76
C TRP A 377 9.32 -28.56 8.44
N PRO A 378 9.39 -29.28 7.31
CA PRO A 378 9.59 -28.65 6.00
C PRO A 378 8.28 -28.18 5.41
N ASP A 379 8.37 -27.36 4.36
CA ASP A 379 7.19 -27.06 3.55
C ASP A 379 6.20 -28.25 3.33
N GLY A 380 6.68 -29.33 2.75
CA GLY A 380 5.87 -30.52 2.64
C GLY A 380 4.94 -30.63 1.45
N ALA A 381 5.24 -29.92 0.36
CA ALA A 381 4.39 -29.95 -0.82
C ALA A 381 4.95 -30.84 -1.93
N ASN A 382 4.17 -31.80 -2.40
CA ASN A 382 4.62 -32.64 -3.52
C ASN A 382 4.44 -31.82 -4.80
N ILE A 383 5.59 -31.44 -5.36
CA ILE A 383 5.61 -30.56 -6.53
C ILE A 383 4.82 -31.16 -7.72
N ASN A 384 4.64 -32.48 -7.72
CA ASN A 384 3.87 -33.13 -8.78
C ASN A 384 2.39 -32.93 -8.65
N PHE A 385 1.98 -32.54 -7.46
CA PHE A 385 0.57 -32.28 -7.23
C PHE A 385 0.22 -30.87 -7.70
N MET A 386 1.26 -30.08 -7.97
CA MET A 386 1.14 -28.63 -8.13
C MET A 386 0.78 -28.20 -9.54
N PRO A 387 0.00 -27.09 -9.63
CA PRO A 387 -0.34 -26.48 -10.94
C PRO A 387 0.87 -25.94 -11.74
N ILE A 388 0.73 -26.03 -13.06
CA ILE A 388 1.58 -25.38 -14.06
C ILE A 388 2.55 -26.42 -14.61
N VAL B 1 -18.05 11.37 21.48
CA VAL B 1 -17.45 12.02 20.25
C VAL B 1 -17.82 13.50 20.13
N GLU B 2 -17.03 14.23 19.35
CA GLU B 2 -17.51 15.49 18.76
C GLU B 2 -17.68 15.20 17.27
N TYR B 3 -18.20 16.16 16.53
CA TYR B 3 -18.21 16.03 15.07
C TYR B 3 -16.96 16.55 14.37
N ARG B 4 -16.71 16.02 13.18
CA ARG B 4 -15.67 16.53 12.26
C ARG B 4 -15.96 17.94 11.78
N ASN B 5 -15.12 18.88 12.17
CA ASN B 5 -15.30 20.25 11.70
C ASN B 5 -14.23 20.71 10.72
N TRP B 6 -13.23 19.86 10.50
CA TRP B 6 -12.08 20.08 9.62
C TRP B 6 -11.36 21.46 9.63
N SER B 7 -11.27 22.11 10.78
CA SER B 7 -10.56 23.38 10.86
C SER B 7 -9.05 23.29 11.11
N LYS B 8 -8.31 22.78 10.11
CA LYS B 8 -6.84 22.81 10.06
C LYS B 8 -6.37 23.28 8.66
N PRO B 9 -5.21 23.97 8.62
CA PRO B 9 -4.56 24.33 7.35
C PRO B 9 -4.46 23.14 6.42
N GLN B 10 -4.50 23.37 5.11
CA GLN B 10 -4.06 22.36 4.15
C GLN B 10 -2.55 22.10 4.34
N CYS B 11 -2.10 20.86 4.26
CA CYS B 11 -0.67 20.59 4.31
C CYS B 11 -0.05 21.07 3.01
N GLN B 12 1.02 21.86 3.12
CA GLN B 12 1.88 22.14 1.95
C GLN B 12 2.45 20.84 1.37
N ILE B 13 2.50 20.74 0.05
CA ILE B 13 2.91 19.48 -0.58
C ILE B 13 3.81 19.67 -1.82
N THR B 14 4.53 18.60 -2.11
CA THR B 14 5.66 18.61 -3.02
C THR B 14 5.30 17.72 -4.20
N GLY B 15 4.19 17.00 -4.03
CA GLY B 15 3.84 15.91 -4.91
C GLY B 15 3.04 14.84 -4.18
N PHE B 16 3.14 13.61 -4.67
CA PHE B 16 2.32 12.50 -4.19
C PHE B 16 3.14 11.23 -4.11
N ALA B 17 3.01 10.55 -2.96
CA ALA B 17 3.67 9.26 -2.67
C ALA B 17 2.66 8.14 -2.87
N PRO B 18 3.09 6.96 -3.35
CA PRO B 18 2.13 5.84 -3.40
C PRO B 18 1.47 5.48 -2.05
N PHE B 19 0.27 4.92 -2.11
CA PHE B 19 -0.42 4.60 -0.87
C PHE B 19 -0.99 3.16 -0.85
N SER B 20 -1.59 2.77 -1.96
CA SER B 20 -2.38 1.54 -2.03
C SER B 20 -2.62 1.12 -3.46
N LYS B 21 -3.05 -0.12 -3.65
CA LYS B 21 -3.32 -0.71 -4.97
C LYS B 21 -3.87 -2.11 -4.62
N ASP B 22 -4.84 -2.61 -5.37
CA ASP B 22 -5.54 -3.83 -4.96
C ASP B 22 -5.45 -5.01 -5.90
N ASN B 23 -4.93 -4.77 -7.09
CA ASN B 23 -4.65 -5.83 -8.05
C ASN B 23 -5.84 -6.70 -8.44
N SER B 24 -7.03 -6.13 -8.21
CA SER B 24 -8.33 -6.76 -8.46
C SER B 24 -8.52 -7.56 -9.75
N ILE B 25 -8.05 -7.01 -10.87
CA ILE B 25 -8.20 -7.73 -12.14
C ILE B 25 -7.30 -8.96 -12.32
N ARG B 26 -6.05 -8.87 -11.90
CA ARG B 26 -5.13 -10.02 -11.93
C ARG B 26 -5.68 -11.20 -11.10
N LEU B 27 -6.15 -10.86 -9.90
CA LEU B 27 -6.76 -11.78 -8.97
C LEU B 27 -7.98 -12.58 -9.49
N SER B 28 -8.74 -11.97 -10.38
CA SER B 28 -9.96 -12.58 -10.95
C SER B 28 -9.65 -13.67 -11.93
N ALA B 29 -8.38 -13.82 -12.27
CA ALA B 29 -7.94 -14.78 -13.29
C ALA B 29 -7.80 -16.14 -12.64
N GLY B 30 -7.73 -16.12 -11.31
CA GLY B 30 -7.89 -17.33 -10.54
C GLY B 30 -8.40 -16.95 -9.17
N GLY B 31 -9.63 -16.47 -9.12
CA GLY B 31 -10.18 -15.92 -7.89
C GLY B 31 -11.65 -15.59 -8.04
N ASP B 32 -12.37 -15.39 -6.93
CA ASP B 32 -13.80 -15.13 -7.00
C ASP B 32 -14.10 -13.65 -6.70
N ILE B 33 -13.94 -12.82 -7.72
CA ILE B 33 -13.83 -11.38 -7.52
C ILE B 33 -14.96 -10.59 -8.20
N TRP B 34 -15.54 -9.67 -7.46
CA TRP B 34 -16.62 -8.81 -7.94
C TRP B 34 -16.35 -8.00 -9.22
N VAL B 35 -17.33 -7.99 -10.15
CA VAL B 35 -17.35 -7.03 -11.26
C VAL B 35 -17.92 -5.66 -10.79
N THR B 36 -17.12 -4.61 -11.01
CA THR B 36 -17.43 -3.27 -10.52
C THR B 36 -17.18 -2.19 -11.56
N ARG B 37 -17.34 -0.95 -11.11
CA ARG B 37 -16.73 0.26 -11.70
C ARG B 37 -17.14 1.46 -10.86
N GLU B 38 -16.75 2.66 -11.29
CA GLU B 38 -16.79 3.88 -10.46
C GLU B 38 -16.41 3.67 -8.99
N PRO B 39 -15.12 3.47 -8.71
CA PRO B 39 -14.63 3.38 -7.32
C PRO B 39 -14.55 4.74 -6.62
N TYR B 40 -14.35 4.71 -5.31
CA TYR B 40 -13.78 5.83 -4.57
C TYR B 40 -13.20 5.33 -3.27
N VAL B 41 -12.49 6.18 -2.57
CA VAL B 41 -12.09 5.82 -1.24
C VAL B 41 -12.31 7.01 -0.33
N SER B 42 -12.80 6.71 0.88
CA SER B 42 -13.14 7.69 1.92
C SER B 42 -12.71 7.09 3.27
N CYS B 43 -12.54 7.94 4.27
CA CYS B 43 -12.02 7.52 5.55
C CYS B 43 -12.82 8.00 6.80
N ASP B 44 -13.17 7.04 7.67
CA ASP B 44 -13.60 7.37 9.03
C ASP B 44 -12.39 7.93 9.77
N PRO B 45 -12.60 8.52 10.94
CA PRO B 45 -11.50 9.20 11.65
C PRO B 45 -10.30 8.38 12.13
N VAL B 46 -10.33 7.06 11.86
CA VAL B 46 -9.25 6.11 12.25
C VAL B 46 -8.71 5.23 11.08
N LYS B 47 -9.54 4.94 10.07
CA LYS B 47 -9.10 4.25 8.86
C LYS B 47 -9.89 4.54 7.58
N CYS B 48 -9.38 4.04 6.46
CA CYS B 48 -9.94 4.29 5.13
C CYS B 48 -10.54 3.01 4.50
N TYR B 49 -11.58 3.22 3.71
CA TYR B 49 -12.28 2.12 3.06
C TYR B 49 -12.27 2.36 1.57
N GLN B 50 -12.32 1.31 0.78
CA GLN B 50 -12.63 1.48 -0.62
C GLN B 50 -14.09 1.12 -0.94
N PHE B 51 -14.69 1.87 -1.88
CA PHE B 51 -16.08 1.70 -2.30
C PHE B 51 -16.16 1.49 -3.80
N ALA B 52 -17.14 0.72 -4.24
CA ALA B 52 -17.42 0.59 -5.68
C ALA B 52 -18.85 0.12 -5.97
N LEU B 53 -19.32 0.39 -7.17
CA LEU B 53 -20.58 -0.15 -7.64
C LEU B 53 -20.38 -1.53 -8.27
N GLY B 54 -20.85 -2.59 -7.59
CA GLY B 54 -20.82 -3.91 -8.19
C GLY B 54 -21.78 -4.07 -9.35
N GLN B 55 -21.61 -5.10 -10.18
CA GLN B 55 -22.57 -5.40 -11.22
C GLN B 55 -23.42 -6.62 -10.89
N GLY B 56 -23.76 -6.79 -9.61
CA GLY B 56 -24.44 -8.00 -9.14
C GLY B 56 -23.79 -9.32 -9.53
N THR B 57 -22.50 -9.27 -9.83
CA THR B 57 -21.80 -10.46 -10.32
C THR B 57 -20.26 -10.46 -10.08
N THR B 58 -19.70 -11.64 -10.27
CA THR B 58 -18.27 -11.87 -10.21
C THR B 58 -17.80 -12.12 -11.66
N LEU B 59 -16.49 -12.10 -11.87
CA LEU B 59 -15.96 -12.05 -13.22
C LEU B 59 -15.97 -13.39 -13.96
N ASP B 60 -15.73 -14.47 -13.24
CA ASP B 60 -15.79 -15.80 -13.85
C ASP B 60 -17.18 -16.37 -13.69
N ASN B 61 -18.10 -15.82 -14.49
CA ASN B 61 -19.55 -15.89 -14.25
C ASN B 61 -20.23 -15.46 -15.54
N LYS B 62 -20.86 -16.41 -16.24
CA LYS B 62 -21.68 -16.13 -17.42
C LYS B 62 -22.53 -14.87 -17.29
N HIS B 63 -22.98 -14.56 -16.08
CA HIS B 63 -23.64 -13.27 -15.81
C HIS B 63 -22.82 -11.99 -16.02
N SER B 64 -21.53 -12.10 -16.32
CA SER B 64 -20.64 -10.93 -16.39
C SER B 64 -20.65 -10.32 -17.80
N ASN B 65 -21.19 -11.09 -18.74
CA ASN B 65 -21.45 -10.64 -20.11
C ASN B 65 -22.26 -9.35 -20.24
N ASP B 66 -21.81 -8.44 -21.10
CA ASP B 66 -22.51 -7.17 -21.26
C ASP B 66 -22.57 -6.22 -20.07
N THR B 67 -21.56 -6.21 -19.21
CA THR B 67 -21.59 -5.29 -18.07
C THR B 67 -21.05 -3.87 -18.37
N VAL B 68 -20.87 -3.55 -19.65
CA VAL B 68 -20.75 -2.14 -20.09
C VAL B 68 -21.88 -1.27 -19.57
N HIS B 69 -23.09 -1.81 -19.58
CA HIS B 69 -24.26 -1.05 -19.18
C HIS B 69 -24.11 -0.48 -17.77
N ASP B 70 -24.40 0.79 -17.62
CA ASP B 70 -24.25 1.49 -16.36
C ASP B 70 -25.30 1.23 -15.30
N ARG B 71 -26.55 1.10 -15.73
CA ARG B 71 -27.66 1.03 -14.77
C ARG B 71 -28.52 -0.24 -14.86
N ILE B 72 -28.48 -1.07 -13.82
CA ILE B 72 -29.38 -2.22 -13.71
C ILE B 72 -29.82 -2.40 -12.25
N PRO B 73 -30.83 -3.26 -11.99
CA PRO B 73 -31.35 -3.39 -10.61
C PRO B 73 -30.37 -4.09 -9.65
N HIS B 74 -29.34 -4.70 -10.19
CA HIS B 74 -28.38 -5.46 -9.41
C HIS B 74 -27.07 -4.77 -8.94
N ARG B 75 -26.77 -3.55 -9.43
CA ARG B 75 -25.66 -2.74 -8.89
C ARG B 75 -25.92 -2.44 -7.42
N THR B 76 -24.86 -2.39 -6.63
CA THR B 76 -24.97 -2.34 -5.18
C THR B 76 -23.70 -1.66 -4.69
N LEU B 77 -23.77 -0.91 -3.61
CA LEU B 77 -22.57 -0.26 -3.10
C LEU B 77 -21.72 -1.21 -2.23
N LEU B 78 -20.56 -1.62 -2.74
CA LEU B 78 -19.58 -2.40 -1.94
C LEU B 78 -18.72 -1.51 -1.05
N MET B 79 -18.27 -2.05 0.09
CA MET B 79 -17.36 -1.37 1.03
C MET B 79 -16.41 -2.37 1.74
N ASN B 80 -15.11 -2.14 1.64
CA ASN B 80 -14.08 -2.94 2.33
C ASN B 80 -13.09 -1.97 2.97
N GLU B 81 -12.24 -2.43 3.89
CA GLU B 81 -11.06 -1.66 4.27
C GLU B 81 -10.15 -1.42 3.05
N LEU B 82 -9.48 -0.27 3.00
CA LEU B 82 -8.60 0.04 1.87
C LEU B 82 -7.52 -1.05 1.72
N GLY B 83 -7.62 -1.87 0.70
CA GLY B 83 -6.53 -2.78 0.41
C GLY B 83 -6.91 -4.23 0.30
N VAL B 84 -7.93 -4.62 1.05
CA VAL B 84 -8.59 -5.91 0.83
C VAL B 84 -9.60 -5.82 -0.34
N PRO B 85 -9.40 -6.65 -1.39
CA PRO B 85 -10.19 -6.48 -2.60
C PRO B 85 -11.59 -7.07 -2.47
N PHE B 86 -12.46 -6.72 -3.39
CA PHE B 86 -13.85 -7.16 -3.32
C PHE B 86 -14.00 -8.64 -3.69
N HIS B 87 -13.87 -9.47 -2.66
CA HIS B 87 -14.18 -10.92 -2.74
C HIS B 87 -15.68 -11.20 -2.37
N LEU B 88 -16.07 -12.49 -2.31
CA LEU B 88 -17.43 -12.90 -1.94
C LEU B 88 -17.82 -12.58 -0.50
N GLY B 89 -16.82 -12.34 0.34
CA GLY B 89 -17.14 -12.04 1.72
C GLY B 89 -17.39 -10.56 1.95
N THR B 90 -17.60 -9.85 0.85
CA THR B 90 -17.79 -8.39 0.89
C THR B 90 -19.26 -8.00 1.12
N ARG B 91 -19.48 -7.04 2.04
CA ARG B 91 -20.78 -6.44 2.30
C ARG B 91 -21.29 -5.42 1.27
N GLN B 92 -22.39 -5.78 0.61
CA GLN B 92 -23.19 -4.85 -0.19
C GLN B 92 -23.97 -3.91 0.74
N VAL B 93 -23.60 -2.64 0.78
CA VAL B 93 -24.08 -1.71 1.78
C VAL B 93 -25.42 -1.04 1.44
N CYS B 94 -25.84 -1.13 0.17
CA CYS B 94 -27.13 -0.57 -0.28
C CYS B 94 -27.43 -0.87 -1.75
N ILE B 95 -28.65 -0.53 -2.22
CA ILE B 95 -28.97 -0.66 -3.66
C ILE B 95 -28.64 0.65 -4.44
N ALA B 96 -27.88 0.56 -5.53
CA ALA B 96 -27.37 1.79 -6.11
C ALA B 96 -26.62 1.65 -7.43
N TRP B 97 -27.01 2.44 -8.44
CA TRP B 97 -26.12 2.64 -9.59
C TRP B 97 -25.47 4.02 -9.64
N SER B 98 -25.43 4.67 -8.48
CA SER B 98 -24.86 5.99 -8.34
C SER B 98 -24.87 6.25 -6.85
N SER B 99 -23.79 6.84 -6.33
CA SER B 99 -23.61 6.89 -4.87
C SER B 99 -22.65 7.96 -4.33
N SER B 100 -22.57 8.04 -3.01
CA SER B 100 -21.62 8.92 -2.36
C SER B 100 -21.66 8.75 -0.85
N SER B 101 -20.47 8.63 -0.23
CA SER B 101 -20.37 8.30 1.20
C SER B 101 -19.47 9.26 1.95
N CYS B 102 -19.76 9.44 3.22
CA CYS B 102 -18.89 10.22 4.07
C CYS B 102 -19.23 9.99 5.52
N HIS B 103 -18.40 10.51 6.39
CA HIS B 103 -18.48 10.16 7.78
C HIS B 103 -18.36 11.45 8.56
N ASP B 104 -19.46 11.86 9.16
CA ASP B 104 -19.52 13.13 9.88
C ASP B 104 -18.63 13.24 11.09
N GLY B 105 -18.07 12.09 11.46
CA GLY B 105 -17.31 11.99 12.69
C GLY B 105 -18.14 11.44 13.84
N LYS B 106 -19.23 10.74 13.52
CA LYS B 106 -19.89 9.85 14.48
C LYS B 106 -20.38 8.60 13.77
N ALA B 107 -21.06 8.79 12.64
CA ALA B 107 -21.45 7.67 11.78
C ALA B 107 -21.17 7.87 10.30
N TRP B 108 -21.46 6.85 9.49
CA TRP B 108 -21.34 6.88 8.03
C TRP B 108 -22.64 7.31 7.37
N LEU B 109 -22.53 8.16 6.33
CA LEU B 109 -23.62 8.47 5.39
C LEU B 109 -23.40 7.83 4.00
N HIS B 110 -24.46 7.26 3.44
CA HIS B 110 -24.42 6.70 2.08
C HIS B 110 -25.63 7.22 1.37
N VAL B 111 -25.43 7.79 0.20
CA VAL B 111 -26.55 8.18 -0.61
C VAL B 111 -26.57 7.28 -1.81
N CYS B 112 -27.67 6.54 -1.94
CA CYS B 112 -27.77 5.46 -2.92
C CYS B 112 -29.00 5.67 -3.81
N ILE B 113 -28.86 5.39 -5.09
CA ILE B 113 -29.84 5.77 -6.10
C ILE B 113 -30.08 4.58 -7.02
N THR B 114 -31.23 3.93 -6.87
CA THR B 114 -31.68 3.01 -7.93
C THR B 114 -33.04 3.45 -8.46
N GLY B 115 -33.46 2.76 -9.49
CA GLY B 115 -34.80 2.94 -9.95
C GLY B 115 -34.85 3.01 -11.45
N ASP B 116 -36.04 3.36 -11.95
CA ASP B 116 -36.22 3.66 -13.35
C ASP B 116 -35.47 4.93 -13.65
N ASP B 117 -34.91 5.00 -14.87
CA ASP B 117 -34.11 6.15 -15.28
C ASP B 117 -34.94 7.45 -15.31
N LYS B 118 -36.23 7.29 -15.65
CA LYS B 118 -37.20 8.39 -15.64
C LYS B 118 -37.86 8.70 -14.28
N ASN B 119 -37.83 7.76 -13.34
CA ASN B 119 -38.28 8.07 -11.99
C ASN B 119 -37.50 7.30 -10.89
N ALA B 120 -36.18 7.41 -10.94
CA ALA B 120 -35.33 6.92 -9.87
C ALA B 120 -35.69 7.53 -8.51
N THR B 121 -35.06 7.01 -7.47
CA THR B 121 -35.26 7.45 -6.10
C THR B 121 -33.93 7.26 -5.36
N ALA B 122 -33.60 8.22 -4.51
CA ALA B 122 -32.39 8.17 -3.71
C ALA B 122 -32.71 8.02 -2.24
N SER B 123 -32.23 6.92 -1.66
CA SER B 123 -32.36 6.65 -0.22
C SER B 123 -31.19 7.22 0.56
N PHE B 124 -31.51 7.77 1.72
CA PHE B 124 -30.49 8.28 2.63
C PHE B 124 -30.32 7.43 3.91
N ILE B 125 -29.23 6.68 3.90
CA ILE B 125 -28.88 5.74 4.95
C ILE B 125 -27.77 6.29 5.85
N TYR B 126 -28.09 6.49 7.12
CA TYR B 126 -27.15 7.03 8.08
C TYR B 126 -27.16 6.23 9.37
N ASP B 127 -25.99 5.66 9.71
CA ASP B 127 -25.82 4.90 10.95
C ASP B 127 -26.71 3.68 11.01
N GLY B 128 -26.84 3.00 9.89
CA GLY B 128 -27.72 1.85 9.80
C GLY B 128 -29.09 2.14 9.22
N ARG B 129 -29.83 3.04 9.86
CA ARG B 129 -31.21 3.29 9.46
C ARG B 129 -31.31 4.09 8.19
N LEU B 130 -32.33 3.73 7.41
CA LEU B 130 -32.86 4.57 6.33
C LEU B 130 -33.59 5.72 6.95
N VAL B 131 -33.03 6.92 6.84
CA VAL B 131 -33.57 8.08 7.54
C VAL B 131 -34.42 9.01 6.62
N ASP B 132 -34.22 8.91 5.31
CA ASP B 132 -34.88 9.80 4.34
C ASP B 132 -34.82 9.29 2.89
N SER B 133 -35.65 9.85 2.02
CA SER B 133 -35.52 9.65 0.59
C SER B 133 -36.09 10.81 -0.26
N ILE B 134 -35.75 10.78 -1.54
CA ILE B 134 -36.23 11.76 -2.49
C ILE B 134 -36.47 11.10 -3.84
N GLY B 135 -37.43 11.63 -4.59
CA GLY B 135 -37.60 11.22 -5.97
C GLY B 135 -36.94 12.15 -6.99
N SER B 136 -36.93 11.64 -8.22
CA SER B 136 -36.36 12.27 -9.41
C SER B 136 -37.14 13.54 -9.83
N TRP B 137 -36.51 14.73 -9.71
CA TRP B 137 -37.18 15.99 -10.00
C TRP B 137 -37.32 16.33 -11.47
N SER B 138 -36.46 15.79 -12.30
CA SER B 138 -36.51 16.20 -13.70
C SER B 138 -36.83 15.00 -14.52
N GLN B 139 -37.07 13.86 -13.87
CA GLN B 139 -37.42 12.66 -14.63
C GLN B 139 -36.37 12.30 -15.67
N ASN B 140 -35.12 12.70 -15.46
CA ASN B 140 -34.04 12.18 -16.30
C ASN B 140 -32.72 11.90 -15.61
N ILE B 141 -32.38 10.61 -15.63
CA ILE B 141 -31.40 9.94 -14.75
C ILE B 141 -30.77 10.70 -13.56
N LEU B 142 -31.46 10.70 -12.42
CA LEU B 142 -30.96 11.29 -11.17
C LEU B 142 -29.60 10.66 -10.81
N ARG B 143 -28.61 11.51 -10.56
CA ARG B 143 -27.24 11.03 -10.44
C ARG B 143 -26.44 11.87 -9.46
N THR B 144 -25.39 11.29 -8.91
CA THR B 144 -24.58 11.98 -7.91
C THR B 144 -23.01 11.78 -8.07
N GLN B 145 -22.26 12.18 -7.05
CA GLN B 145 -20.82 12.40 -7.14
C GLN B 145 -19.97 11.25 -7.64
N GLU B 146 -20.21 10.05 -7.11
CA GLU B 146 -19.38 8.89 -7.40
C GLU B 146 -18.01 9.07 -6.70
N SER B 147 -18.07 9.78 -5.58
CA SER B 147 -16.93 10.04 -4.74
C SER B 147 -17.43 10.57 -3.40
N GLU B 148 -16.49 10.83 -2.50
CA GLU B 148 -16.69 11.36 -1.14
C GLU B 148 -17.48 12.70 -1.03
N CYS B 149 -18.53 12.70 -0.20
CA CYS B 149 -19.10 13.91 0.37
C CYS B 149 -18.26 14.46 1.53
N VAL B 150 -18.67 15.60 2.08
CA VAL B 150 -18.00 16.21 3.22
C VAL B 150 -18.95 16.90 4.22
N CYS B 151 -18.59 16.75 5.51
CA CYS B 151 -19.45 17.11 6.63
C CYS B 151 -18.63 18.00 7.58
N ILE B 152 -19.20 19.15 7.95
CA ILE B 152 -18.61 20.05 8.94
C ILE B 152 -19.61 20.33 10.07
N ASN B 153 -19.31 19.81 11.26
CA ASN B 153 -20.13 20.03 12.46
C ASN B 153 -21.43 19.23 12.53
N GLY B 154 -21.54 18.17 11.73
CA GLY B 154 -22.77 17.40 11.67
C GLY B 154 -23.76 17.80 10.57
N THR B 155 -23.38 18.75 9.70
CA THR B 155 -24.07 18.94 8.42
C THR B 155 -23.25 18.44 7.24
N CYS B 156 -23.77 17.44 6.53
CA CYS B 156 -23.09 16.97 5.33
C CYS B 156 -23.63 17.64 4.10
N THR B 157 -22.98 17.39 2.98
CA THR B 157 -23.28 18.05 1.71
C THR B 157 -23.05 17.00 0.63
N VAL B 158 -24.07 16.76 -0.19
CA VAL B 158 -23.87 16.12 -1.49
C VAL B 158 -24.43 17.04 -2.56
N VAL B 159 -23.91 16.94 -3.77
CA VAL B 159 -24.50 17.68 -4.86
C VAL B 159 -25.02 16.67 -5.89
N MET B 160 -26.23 16.88 -6.39
CA MET B 160 -26.84 15.91 -7.32
C MET B 160 -27.43 16.57 -8.54
N THR B 161 -27.57 15.80 -9.60
CA THR B 161 -28.05 16.36 -10.84
C THR B 161 -29.03 15.44 -11.60
N ASP B 162 -30.17 16.04 -11.87
CA ASP B 162 -31.21 15.41 -12.68
C ASP B 162 -31.36 16.23 -13.97
N GLY B 163 -31.45 15.57 -15.11
CA GLY B 163 -31.65 16.33 -16.31
C GLY B 163 -30.87 15.75 -17.45
N SER B 164 -30.53 16.58 -18.43
CA SER B 164 -29.73 16.14 -19.58
C SER B 164 -28.18 16.19 -19.35
N ALA B 165 -27.47 15.15 -19.79
CA ALA B 165 -26.02 15.12 -19.71
C ALA B 165 -25.42 16.10 -20.74
N SER B 166 -25.90 15.95 -21.98
CA SER B 166 -25.49 16.81 -23.10
C SER B 166 -26.57 17.87 -23.38
N GLY B 167 -26.82 18.70 -22.37
CA GLY B 167 -27.77 19.78 -22.53
C GLY B 167 -27.94 20.47 -21.19
N ARG B 168 -28.75 21.52 -21.13
CA ARG B 168 -29.12 22.04 -19.81
C ARG B 168 -29.77 20.91 -18.92
N ALA B 169 -29.40 20.90 -17.64
CA ALA B 169 -29.95 19.97 -16.66
C ALA B 169 -30.09 20.65 -15.30
N ASP B 170 -30.53 19.92 -14.30
CA ASP B 170 -31.06 20.52 -13.07
C ASP B 170 -30.28 20.05 -11.86
N THR B 171 -29.48 20.97 -11.31
CA THR B 171 -28.46 20.65 -10.33
C THR B 171 -28.78 21.35 -9.03
N ARG B 172 -28.93 20.55 -7.97
CA ARG B 172 -29.14 21.11 -6.62
C ARG B 172 -28.09 20.64 -5.59
N ILE B 173 -28.07 21.30 -4.44
CA ILE B 173 -27.13 20.97 -3.38
C ILE B 173 -27.84 20.73 -2.05
N LEU B 174 -27.70 19.50 -1.57
CA LEU B 174 -28.42 19.03 -0.42
C LEU B 174 -27.61 19.18 0.85
N PHE B 175 -28.28 19.66 1.89
CA PHE B 175 -27.71 19.75 3.22
C PHE B 175 -28.48 18.80 4.17
N ILE B 176 -27.75 17.91 4.82
CA ILE B 176 -28.39 16.77 5.43
C ILE B 176 -27.79 16.45 6.77
N GLU B 177 -28.64 16.42 7.79
CA GLU B 177 -28.17 16.22 9.16
C GLU B 177 -28.72 14.93 9.74
N GLU B 178 -27.83 14.06 10.20
CA GLU B 178 -28.17 12.69 10.56
C GLU B 178 -29.08 11.92 9.61
N GLY B 179 -28.82 12.00 8.32
CA GLY B 179 -29.67 11.32 7.34
C GLY B 179 -30.96 12.03 6.89
N LYS B 180 -31.30 13.14 7.55
CA LYS B 180 -32.42 14.01 7.15
C LYS B 180 -32.02 15.20 6.29
N ILE B 181 -32.58 15.29 5.09
CA ILE B 181 -32.53 16.49 4.28
C ILE B 181 -33.10 17.72 5.02
N VAL B 182 -32.23 18.67 5.34
CA VAL B 182 -32.62 19.87 6.08
C VAL B 182 -32.56 21.16 5.25
N HIS B 183 -32.13 21.07 3.99
CA HIS B 183 -32.10 22.22 3.09
C HIS B 183 -31.72 21.75 1.71
N ILE B 184 -32.38 22.29 0.70
CA ILE B 184 -31.94 22.13 -0.71
C ILE B 184 -31.74 23.53 -1.34
N SER B 185 -30.58 23.69 -1.99
CA SER B 185 -30.22 24.90 -2.73
C SER B 185 -29.94 24.56 -4.18
N PRO B 186 -30.35 25.45 -5.10
CA PRO B 186 -30.03 25.21 -6.50
C PRO B 186 -28.69 25.86 -6.87
N LEU B 187 -28.09 25.33 -7.92
CA LEU B 187 -26.90 25.94 -8.48
C LEU B 187 -27.06 27.43 -8.85
N ALA B 188 -26.10 28.25 -8.41
CA ALA B 188 -25.89 29.60 -8.95
C ALA B 188 -24.50 29.79 -9.65
N GLY B 189 -23.98 31.04 -9.70
CA GLY B 189 -22.74 31.32 -10.40
C GLY B 189 -22.79 31.02 -11.89
N SER B 190 -21.65 30.76 -12.52
CA SER B 190 -21.58 30.66 -13.99
C SER B 190 -21.45 29.29 -14.67
N ALA B 191 -21.58 28.20 -13.92
CA ALA B 191 -21.26 26.89 -14.47
C ALA B 191 -22.35 26.24 -15.37
N GLN B 192 -22.17 26.34 -16.68
CA GLN B 192 -23.06 25.68 -17.66
C GLN B 192 -23.48 24.21 -17.47
N HIS B 193 -22.67 23.44 -16.74
CA HIS B 193 -22.96 21.99 -16.59
C HIS B 193 -22.03 21.38 -15.55
N VAL B 194 -22.64 20.67 -14.60
CA VAL B 194 -21.97 20.28 -13.36
C VAL B 194 -22.30 18.82 -12.96
N GLU B 195 -21.82 17.85 -13.74
CA GLU B 195 -21.85 16.44 -13.33
C GLU B 195 -20.65 16.00 -12.40
N GLU B 196 -20.80 14.82 -11.77
CA GLU B 196 -19.73 14.07 -11.07
C GLU B 196 -18.71 14.84 -10.21
N CYS B 197 -19.16 15.58 -9.21
CA CYS B 197 -18.26 16.47 -8.50
C CYS B 197 -17.27 15.77 -7.59
N SER B 198 -16.09 16.38 -7.44
CA SER B 198 -15.11 15.91 -6.47
C SER B 198 -14.98 16.99 -5.41
N CYS B 199 -15.54 16.77 -4.24
CA CYS B 199 -15.62 17.83 -3.25
C CYS B 199 -14.64 17.68 -2.09
N TYR B 200 -14.46 18.72 -1.29
CA TYR B 200 -13.45 18.69 -0.22
C TYR B 200 -13.51 19.87 0.76
N PRO B 201 -12.97 19.70 1.98
CA PRO B 201 -13.22 20.73 2.99
C PRO B 201 -12.18 21.86 3.06
N ARG B 202 -12.33 22.83 2.17
CA ARG B 202 -11.64 24.10 2.32
C ARG B 202 -12.26 24.95 3.45
N TYR B 203 -11.88 24.62 4.67
CA TYR B 203 -12.68 24.88 5.86
C TYR B 203 -14.02 25.50 5.57
N PRO B 204 -14.25 26.79 5.93
CA PRO B 204 -15.63 27.10 6.38
C PRO B 204 -16.72 26.74 5.36
N GLY B 205 -16.30 26.49 4.13
CA GLY B 205 -17.16 25.84 3.16
C GLY B 205 -16.55 24.64 2.42
N VAL B 206 -17.21 24.23 1.37
CA VAL B 206 -16.75 23.06 0.65
C VAL B 206 -16.49 23.49 -0.79
N ARG B 207 -15.53 22.85 -1.44
CA ARG B 207 -15.27 23.11 -2.83
C ARG B 207 -15.23 21.84 -3.67
N CYS B 208 -15.88 21.89 -4.81
CA CYS B 208 -15.94 20.76 -5.75
C CYS B 208 -15.36 21.15 -7.12
N ILE B 209 -14.57 20.25 -7.70
CA ILE B 209 -14.21 20.36 -9.11
C ILE B 209 -14.91 19.24 -9.88
N CYS B 210 -15.76 19.67 -10.81
CA CYS B 210 -16.82 18.83 -11.35
C CYS B 210 -16.62 18.56 -12.83
N ARG B 211 -17.62 17.99 -13.49
CA ARG B 211 -17.47 17.57 -14.87
C ARG B 211 -18.57 18.18 -15.78
N ASP B 212 -18.15 18.81 -16.89
CA ASP B 212 -19.05 19.39 -17.89
C ASP B 212 -19.07 18.50 -19.15
N ASN B 213 -20.28 18.01 -19.44
CA ASN B 213 -20.56 17.14 -20.57
C ASN B 213 -21.04 17.82 -21.83
N TRP B 214 -21.41 19.07 -21.66
CA TRP B 214 -22.09 19.80 -22.70
C TRP B 214 -21.13 20.71 -23.44
N LYS B 215 -20.81 21.85 -22.82
CA LYS B 215 -20.07 22.87 -23.55
C LYS B 215 -18.57 23.05 -23.20
N GLY B 216 -18.04 22.24 -22.27
CA GLY B 216 -16.73 22.51 -21.68
C GLY B 216 -15.72 21.37 -21.55
N SER B 217 -14.46 21.70 -21.81
CA SER B 217 -13.31 20.82 -21.47
C SER B 217 -12.43 21.37 -20.36
N ASN B 218 -12.53 22.68 -20.11
CA ASN B 218 -12.20 23.20 -18.79
C ASN B 218 -13.20 22.62 -17.76
N ARG B 219 -12.77 22.48 -16.50
CA ARG B 219 -13.58 21.86 -15.44
C ARG B 219 -14.29 22.89 -14.60
N PRO B 220 -15.52 22.56 -14.13
CA PRO B 220 -16.31 23.49 -13.32
C PRO B 220 -15.83 23.64 -11.89
N VAL B 221 -16.34 24.64 -11.21
CA VAL B 221 -16.09 24.83 -9.80
C VAL B 221 -17.41 25.16 -9.11
N VAL B 222 -17.59 24.67 -7.90
CA VAL B 222 -18.86 24.76 -7.23
C VAL B 222 -18.57 25.04 -5.78
N ASP B 223 -18.60 26.32 -5.43
CA ASP B 223 -18.42 26.72 -4.03
C ASP B 223 -19.70 26.69 -3.18
N ILE B 224 -19.59 26.09 -1.99
CA ILE B 224 -20.71 25.87 -1.07
C ILE B 224 -20.45 26.49 0.30
N ASN B 225 -21.23 27.49 0.68
CA ASN B 225 -21.11 28.14 1.98
C ASN B 225 -21.92 27.33 2.99
N MET B 226 -21.23 26.81 3.99
CA MET B 226 -21.87 25.87 4.89
C MET B 226 -22.84 26.54 5.86
N GLU B 227 -22.67 27.85 6.03
CA GLU B 227 -23.34 28.58 7.10
C GLU B 227 -24.75 29.11 6.74
N ASP B 228 -24.91 29.64 5.52
CA ASP B 228 -26.19 30.14 5.10
C ASP B 228 -26.69 29.46 3.85
N TYR B 229 -25.90 28.50 3.36
CA TYR B 229 -26.35 27.69 2.22
C TYR B 229 -26.23 28.34 0.83
N SER B 230 -25.57 29.50 0.73
CA SER B 230 -25.19 30.10 -0.59
C SER B 230 -24.38 29.14 -1.48
N ILE B 231 -24.45 29.34 -2.78
CA ILE B 231 -23.64 28.57 -3.74
C ILE B 231 -22.98 29.57 -4.73
N ASP B 232 -21.81 29.20 -5.23
CA ASP B 232 -21.22 29.93 -6.33
C ASP B 232 -20.66 28.87 -7.26
N SER B 233 -20.56 29.18 -8.55
CA SER B 233 -19.92 28.27 -9.50
C SER B 233 -19.15 29.01 -10.62
N SER B 234 -17.99 28.46 -10.99
CA SER B 234 -17.14 28.98 -12.08
C SER B 234 -16.41 27.86 -12.80
N TYR B 235 -15.40 28.20 -13.59
CA TYR B 235 -14.46 27.19 -14.11
C TYR B 235 -13.04 27.46 -13.61
N VAL B 236 -12.23 26.43 -13.60
CA VAL B 236 -10.83 26.56 -13.18
C VAL B 236 -10.09 27.53 -14.14
N CYS B 237 -9.31 28.46 -13.58
CA CYS B 237 -8.56 29.43 -14.40
C CYS B 237 -7.58 28.87 -15.45
N SER B 238 -6.85 27.83 -15.06
CA SER B 238 -5.76 27.25 -15.83
C SER B 238 -6.12 26.91 -17.27
N GLY B 239 -5.21 27.20 -18.20
CA GLY B 239 -5.45 26.91 -19.59
C GLY B 239 -4.89 25.57 -19.96
N LEU B 240 -4.35 24.89 -18.95
CA LEU B 240 -3.88 23.51 -19.06
C LEU B 240 -5.01 22.50 -19.14
N VAL B 241 -5.97 22.58 -18.23
CA VAL B 241 -7.31 22.09 -18.56
C VAL B 241 -7.47 20.57 -18.36
N GLY B 242 -8.59 20.21 -17.73
CA GLY B 242 -8.69 18.95 -17.00
C GLY B 242 -9.48 17.77 -17.55
N ASP B 243 -10.26 17.99 -18.60
CA ASP B 243 -11.22 16.99 -19.04
C ASP B 243 -10.61 16.11 -20.12
N THR B 244 -11.26 14.99 -20.41
CA THR B 244 -11.07 14.23 -21.67
C THR B 244 -12.46 13.94 -22.31
N PRO B 245 -12.63 14.23 -23.63
CA PRO B 245 -11.65 14.78 -24.60
C PRO B 245 -11.31 16.24 -24.42
N ARG B 246 -10.15 16.61 -24.95
CA ARG B 246 -9.74 18.00 -24.90
C ARG B 246 -8.87 18.34 -26.09
N ASN B 247 -8.37 19.57 -26.11
CA ASN B 247 -7.87 20.20 -27.35
C ASN B 247 -6.36 20.17 -27.63
N ASP B 248 -5.56 20.15 -26.55
CA ASP B 248 -4.07 20.10 -26.54
C ASP B 248 -3.43 21.45 -26.24
N ASP B 249 -2.36 21.43 -25.47
CA ASP B 249 -2.07 22.57 -24.61
C ASP B 249 -1.41 23.72 -25.36
N ARG B 250 -1.08 23.49 -26.62
CA ARG B 250 -0.88 24.62 -27.53
C ARG B 250 -2.23 25.34 -27.72
N SER B 251 -3.25 24.59 -28.15
CA SER B 251 -4.53 25.16 -28.56
C SER B 251 -5.64 25.04 -27.51
N SER B 252 -5.30 25.21 -26.23
CA SER B 252 -6.24 25.04 -25.11
C SER B 252 -6.55 26.39 -24.48
N ASN B 253 -7.66 26.50 -23.77
CA ASN B 253 -8.08 27.79 -23.22
C ASN B 253 -9.04 27.66 -22.03
N SER B 254 -8.96 28.63 -21.14
CA SER B 254 -10.02 28.84 -20.16
C SER B 254 -9.90 30.23 -19.59
N ASN B 255 -11.04 30.84 -19.27
CA ASN B 255 -11.05 32.17 -18.69
C ASN B 255 -11.56 32.20 -17.26
N CYS B 256 -11.75 31.01 -16.68
CA CYS B 256 -12.30 30.86 -15.33
C CYS B 256 -13.80 31.17 -15.17
N ARG B 257 -14.50 31.45 -16.27
CA ARG B 257 -15.85 32.03 -16.20
C ARG B 257 -16.88 31.22 -16.96
N ASP B 258 -16.57 30.87 -18.19
CA ASP B 258 -17.54 30.29 -19.09
C ASP B 258 -16.99 28.97 -19.63
N PRO B 259 -17.85 28.07 -20.15
CA PRO B 259 -17.28 26.89 -20.84
C PRO B 259 -16.46 27.36 -22.03
N ASN B 260 -15.75 26.45 -22.66
CA ASN B 260 -14.73 26.87 -23.61
C ASN B 260 -15.01 26.42 -25.03
N ASN B 261 -16.08 25.64 -25.20
CA ASN B 261 -16.40 25.02 -26.47
C ASN B 261 -15.16 24.49 -27.21
N GLU B 262 -14.40 23.62 -26.55
CA GLU B 262 -13.23 22.99 -27.17
C GLU B 262 -13.27 21.47 -26.99
N ARG B 263 -13.80 20.78 -28.00
CA ARG B 263 -14.27 19.41 -27.81
C ARG B 263 -15.09 19.33 -26.48
N GLY B 264 -16.10 20.19 -26.38
CA GLY B 264 -16.56 20.69 -25.09
C GLY B 264 -17.55 19.77 -24.40
N THR B 265 -18.10 18.82 -25.15
CA THR B 265 -19.03 17.88 -24.57
C THR B 265 -18.27 16.80 -23.79
N GLN B 266 -18.61 15.53 -24.04
CA GLN B 266 -18.47 14.45 -23.09
C GLN B 266 -17.71 14.77 -21.80
N GLY B 267 -16.88 13.83 -21.37
CA GLY B 267 -15.98 14.09 -20.26
C GLY B 267 -15.55 12.90 -19.46
N VAL B 268 -14.97 13.15 -18.29
CA VAL B 268 -14.63 12.11 -17.32
C VAL B 268 -14.63 12.75 -15.95
N LYS B 269 -14.92 11.96 -14.93
CA LYS B 269 -14.64 12.37 -13.55
C LYS B 269 -13.13 12.56 -13.31
N GLY B 270 -12.80 13.69 -12.69
CA GLY B 270 -11.44 14.12 -12.42
C GLY B 270 -11.49 15.09 -11.25
N TRP B 271 -10.34 15.64 -10.86
CA TRP B 271 -10.25 16.42 -9.62
C TRP B 271 -9.26 17.56 -9.76
N ALA B 272 -9.31 18.50 -8.81
CA ALA B 272 -8.26 19.48 -8.62
C ALA B 272 -8.37 20.19 -7.26
N PHE B 273 -7.38 21.00 -6.93
CA PHE B 273 -7.43 21.83 -5.73
C PHE B 273 -6.41 22.96 -5.63
N ASP B 274 -6.90 24.08 -5.11
CA ASP B 274 -6.11 25.30 -5.06
C ASP B 274 -5.01 25.21 -4.00
N ASN B 275 -3.92 25.93 -4.22
CA ASN B 275 -2.97 26.17 -3.14
C ASN B 275 -2.51 27.63 -3.17
N GLY B 276 -3.06 28.45 -2.27
CA GLY B 276 -2.99 29.89 -2.48
C GLY B 276 -3.52 30.21 -3.87
N ASN B 277 -2.58 30.40 -4.79
CA ASN B 277 -2.87 30.96 -6.11
C ASN B 277 -2.72 29.86 -7.15
N ASP B 278 -2.14 28.76 -6.70
CA ASP B 278 -1.71 27.68 -7.57
C ASP B 278 -2.70 26.52 -7.62
N LEU B 279 -2.48 25.62 -8.56
CA LEU B 279 -3.35 24.49 -8.72
C LEU B 279 -2.58 23.17 -8.90
N TRP B 280 -2.86 22.21 -8.04
CA TRP B 280 -2.44 20.82 -8.29
C TRP B 280 -3.59 20.13 -9.03
N MET B 281 -3.26 19.34 -10.04
CA MET B 281 -4.28 18.69 -10.83
C MET B 281 -3.75 17.41 -11.47
N GLY B 282 -4.63 16.45 -11.72
CA GLY B 282 -4.24 15.32 -12.53
C GLY B 282 -5.12 15.20 -13.76
N ARG B 283 -4.71 14.36 -14.71
CA ARG B 283 -5.54 14.13 -15.87
C ARG B 283 -4.98 12.96 -16.66
N THR B 284 -5.71 12.49 -17.65
CA THR B 284 -5.18 11.44 -18.51
C THR B 284 -3.99 11.98 -19.28
N ILE B 285 -3.11 11.09 -19.68
CA ILE B 285 -2.03 11.56 -20.50
C ILE B 285 -2.53 11.80 -21.95
N SER B 286 -3.53 11.04 -22.36
CA SER B 286 -4.19 11.22 -23.67
C SER B 286 -5.27 12.29 -23.70
N LYS B 287 -5.24 13.16 -24.72
CA LYS B 287 -6.31 14.13 -24.94
C LYS B 287 -7.54 13.48 -25.51
N ASP B 288 -7.35 12.33 -26.14
CA ASP B 288 -8.41 11.62 -26.84
C ASP B 288 -9.09 10.47 -26.05
N LEU B 289 -8.36 9.36 -25.81
CA LEU B 289 -8.88 8.28 -24.96
C LEU B 289 -8.59 8.46 -23.45
N ARG B 290 -9.18 7.59 -22.63
CA ARG B 290 -9.02 7.63 -21.17
C ARG B 290 -7.79 6.82 -20.76
N SER B 291 -6.61 7.22 -21.28
CA SER B 291 -5.36 6.46 -21.14
C SER B 291 -4.27 7.24 -20.45
N GLY B 292 -3.49 6.55 -19.62
CA GLY B 292 -2.47 7.20 -18.81
C GLY B 292 -3.02 8.07 -17.69
N TYR B 293 -2.20 8.39 -16.71
CA TYR B 293 -2.57 9.44 -15.78
C TYR B 293 -1.34 10.20 -15.35
N GLU B 294 -1.50 11.50 -15.17
CA GLU B 294 -0.43 12.39 -14.83
C GLU B 294 -0.94 13.45 -13.90
N THR B 295 -0.12 13.79 -12.93
CA THR B 295 -0.33 14.96 -12.07
C THR B 295 0.79 16.01 -12.30
N PHE B 296 0.50 17.27 -11.95
CA PHE B 296 1.49 18.37 -11.93
C PHE B 296 0.91 19.55 -11.20
N LYS B 297 1.76 20.52 -10.89
CA LYS B 297 1.28 21.81 -10.44
C LYS B 297 1.33 22.85 -11.57
N VAL B 298 0.26 23.61 -11.72
CA VAL B 298 0.26 24.84 -12.53
C VAL B 298 0.50 26.06 -11.66
N ILE B 299 1.56 26.80 -12.01
CA ILE B 299 1.77 28.08 -11.37
C ILE B 299 0.70 29.03 -11.88
N GLY B 300 0.00 29.68 -10.95
CA GLY B 300 -1.11 30.55 -11.31
C GLY B 300 -2.41 29.89 -11.74
N GLY B 301 -2.42 28.56 -11.89
CA GLY B 301 -3.59 27.83 -12.33
C GLY B 301 -4.90 28.16 -11.63
N TRP B 302 -4.81 28.65 -10.39
CA TRP B 302 -6.00 29.03 -9.66
C TRP B 302 -6.48 30.46 -10.00
N SER B 303 -5.53 31.39 -10.01
CA SER B 303 -5.83 32.82 -10.01
C SER B 303 -5.87 33.51 -11.37
N THR B 304 -5.14 32.99 -12.33
CA THR B 304 -4.96 33.80 -13.51
C THR B 304 -5.38 33.13 -14.79
N PRO B 305 -6.10 33.89 -15.63
CA PRO B 305 -7.19 33.41 -16.45
C PRO B 305 -6.79 32.54 -17.63
N ASN B 306 -5.61 31.92 -17.58
CA ASN B 306 -5.23 30.99 -18.66
C ASN B 306 -3.82 30.39 -18.51
N SER B 307 -3.26 30.53 -17.31
CA SER B 307 -1.93 30.03 -17.00
C SER B 307 -1.61 28.65 -17.55
N LYS B 308 -0.52 28.56 -18.31
CA LYS B 308 -0.05 27.29 -18.80
C LYS B 308 1.38 26.98 -18.29
N SER B 309 1.70 27.49 -17.10
CA SER B 309 3.00 27.23 -16.47
C SER B 309 3.03 26.05 -15.48
N GLN B 310 3.46 24.88 -15.95
CA GLN B 310 3.47 23.69 -15.10
C GLN B 310 4.82 23.23 -14.55
N ILE B 311 4.87 23.04 -13.23
CA ILE B 311 6.01 22.41 -12.53
C ILE B 311 5.57 21.06 -11.87
N ASN B 312 6.48 20.42 -11.09
CA ASN B 312 6.29 19.12 -10.37
C ASN B 312 5.52 17.97 -10.99
N ARG B 313 5.64 17.75 -12.30
CA ARG B 313 4.83 16.72 -12.96
C ARG B 313 5.01 15.32 -12.30
N GLN B 314 4.10 14.39 -12.59
CA GLN B 314 4.29 12.98 -12.25
C GLN B 314 3.47 12.07 -13.14
N VAL B 315 4.07 11.00 -13.64
CA VAL B 315 3.37 9.97 -14.42
C VAL B 315 2.93 8.81 -13.53
N ILE B 316 1.64 8.73 -13.22
CA ILE B 316 1.15 7.74 -12.28
C ILE B 316 0.85 6.46 -13.03
N VAL B 317 0.32 6.59 -14.24
CA VAL B 317 0.21 5.48 -15.19
C VAL B 317 0.74 5.91 -16.57
N ASP B 318 1.53 5.05 -17.21
CA ASP B 318 2.13 5.43 -18.48
C ASP B 318 1.15 5.49 -19.63
N SER B 319 1.53 6.30 -20.62
CA SER B 319 0.83 6.46 -21.88
C SER B 319 0.26 5.14 -22.45
N ASP B 320 1.03 4.08 -22.38
CA ASP B 320 0.63 2.89 -23.10
C ASP B 320 -0.37 2.01 -22.32
N ASN B 321 -0.86 2.57 -21.22
CA ASN B 321 -1.83 1.88 -20.37
C ASN B 321 -3.16 2.63 -20.18
N ARG B 322 -4.25 1.87 -19.98
CA ARG B 322 -5.59 2.41 -19.68
C ARG B 322 -5.80 2.97 -18.26
N SER B 323 -6.56 4.06 -18.16
CA SER B 323 -7.12 4.47 -16.86
C SER B 323 -8.67 4.64 -16.92
N GLY B 324 -9.22 5.54 -16.10
CA GLY B 324 -10.59 6.01 -16.29
C GLY B 324 -10.94 7.13 -15.33
N TYR B 325 -11.92 6.89 -14.47
CA TYR B 325 -12.31 7.87 -13.46
C TYR B 325 -11.21 8.13 -12.44
N SER B 326 -11.55 8.94 -11.45
CA SER B 326 -10.56 9.56 -10.57
C SER B 326 -11.25 10.60 -9.70
N GLY B 327 -10.70 10.84 -8.53
CA GLY B 327 -11.29 11.79 -7.64
C GLY B 327 -10.39 12.01 -6.45
N ILE B 328 -10.86 12.81 -5.52
CA ILE B 328 -10.03 13.24 -4.41
C ILE B 328 -10.64 12.70 -3.08
N PHE B 329 -9.78 12.53 -2.08
CA PHE B 329 -10.18 12.34 -0.68
C PHE B 329 -9.23 13.06 0.30
N SER B 330 -9.76 13.50 1.43
CA SER B 330 -9.01 14.34 2.37
C SER B 330 -8.85 13.63 3.70
N VAL B 331 -7.65 13.60 4.24
CA VAL B 331 -7.48 13.01 5.56
C VAL B 331 -6.74 13.93 6.54
N GLU B 332 -7.33 14.16 7.69
CA GLU B 332 -6.76 15.10 8.64
C GLU B 332 -5.56 14.55 9.43
N GLY B 333 -4.43 15.24 9.35
CA GLY B 333 -3.24 14.88 10.13
C GLY B 333 -3.27 15.57 11.48
N LYS B 334 -2.14 15.53 12.20
CA LYS B 334 -2.06 16.04 13.59
C LYS B 334 -2.11 17.55 13.66
N SER B 335 -1.67 18.18 12.56
CA SER B 335 -1.47 19.62 12.49
C SER B 335 -2.18 20.26 11.27
N CYS B 336 -2.03 19.65 10.11
CA CYS B 336 -2.70 20.12 8.92
C CYS B 336 -3.66 19.04 8.43
N ILE B 337 -4.42 19.33 7.36
CA ILE B 337 -5.19 18.29 6.68
C ILE B 337 -4.74 18.08 5.23
N ASN B 338 -4.62 16.81 4.88
CA ASN B 338 -4.00 16.40 3.65
C ASN B 338 -4.98 15.97 2.57
N ARG B 339 -4.53 15.99 1.33
CA ARG B 339 -5.39 15.74 0.21
C ARG B 339 -4.77 14.58 -0.52
N CYS B 340 -5.60 13.58 -0.85
CA CYS B 340 -5.14 12.36 -1.54
C CYS B 340 -6.13 12.10 -2.67
N PHE B 341 -5.86 11.09 -3.50
CA PHE B 341 -6.66 10.80 -4.69
C PHE B 341 -6.51 9.34 -5.15
N TYR B 342 -7.45 8.87 -5.96
CA TYR B 342 -7.43 7.51 -6.47
C TYR B 342 -7.72 7.60 -7.94
N VAL B 343 -7.36 6.59 -8.71
CA VAL B 343 -7.76 6.52 -10.10
C VAL B 343 -8.29 5.13 -10.45
N GLU B 344 -9.45 5.09 -11.09
CA GLU B 344 -10.04 3.82 -11.53
C GLU B 344 -9.32 3.38 -12.80
N LEU B 345 -8.70 2.20 -12.76
CA LEU B 345 -8.14 1.59 -13.98
C LEU B 345 -9.06 0.51 -14.56
N ILE B 346 -9.77 0.88 -15.62
CA ILE B 346 -10.79 0.00 -16.19
C ILE B 346 -10.28 -0.87 -17.36
N ARG B 347 -10.73 -2.13 -17.36
CA ARG B 347 -10.32 -3.15 -18.31
C ARG B 347 -11.50 -3.74 -19.06
N GLY B 348 -11.19 -4.62 -20.01
CA GLY B 348 -12.24 -5.17 -20.87
C GLY B 348 -13.05 -4.21 -21.74
N ARG B 349 -14.29 -4.60 -21.99
CA ARG B 349 -15.01 -4.20 -23.19
C ARG B 349 -15.45 -2.76 -23.34
N LYS B 350 -16.20 -2.60 -24.43
CA LYS B 350 -15.92 -1.62 -25.48
C LYS B 350 -14.52 -1.83 -26.03
N GLN B 351 -13.53 -1.26 -25.36
CA GLN B 351 -12.19 -1.18 -25.94
C GLN B 351 -11.53 -2.51 -26.22
N GLU B 352 -11.13 -3.18 -25.15
CA GLU B 352 -10.64 -4.54 -25.28
C GLU B 352 -11.84 -5.48 -25.46
N THR B 353 -11.79 -6.29 -26.51
CA THR B 353 -12.95 -7.07 -26.88
C THR B 353 -12.72 -8.56 -26.94
N ARG B 354 -11.49 -8.98 -26.60
CA ARG B 354 -11.20 -10.42 -26.57
C ARG B 354 -12.15 -11.11 -25.59
N VAL B 355 -12.52 -10.35 -24.56
CA VAL B 355 -13.45 -10.76 -23.49
C VAL B 355 -14.78 -9.93 -23.57
N TRP B 356 -15.79 -10.34 -22.80
CA TRP B 356 -17.15 -9.78 -22.90
C TRP B 356 -17.59 -8.96 -21.71
N TRP B 357 -16.75 -8.87 -20.69
CA TRP B 357 -17.08 -8.18 -19.44
C TRP B 357 -16.47 -6.78 -19.31
N THR B 358 -16.86 -6.04 -18.27
CA THR B 358 -16.20 -4.78 -17.96
C THR B 358 -16.03 -4.55 -16.44
N SER B 359 -14.78 -4.47 -15.99
CA SER B 359 -14.49 -4.21 -14.58
C SER B 359 -13.34 -3.20 -14.49
N ASN B 360 -12.93 -2.85 -13.28
CA ASN B 360 -11.67 -2.11 -13.08
C ASN B 360 -10.76 -2.63 -11.94
N SER B 361 -9.63 -1.94 -11.72
CA SER B 361 -8.91 -2.02 -10.44
C SER B 361 -8.58 -0.61 -9.95
N ILE B 362 -7.78 -0.50 -8.89
CA ILE B 362 -7.35 0.82 -8.43
C ILE B 362 -5.89 0.96 -7.92
N VAL B 363 -5.48 2.21 -7.81
CA VAL B 363 -4.16 2.61 -7.32
C VAL B 363 -4.46 3.92 -6.58
N VAL B 364 -3.81 4.16 -5.45
CA VAL B 364 -4.04 5.40 -4.71
C VAL B 364 -2.72 6.01 -4.17
N PHE B 365 -2.64 7.33 -4.28
CA PHE B 365 -1.47 8.10 -3.90
C PHE B 365 -1.91 9.16 -2.92
N CYS B 366 -1.02 9.52 -2.00
CA CYS B 366 -1.30 10.61 -1.08
C CYS B 366 -0.29 11.72 -1.13
N GLY B 367 -0.74 12.93 -0.82
CA GLY B 367 0.16 14.06 -0.84
C GLY B 367 1.34 13.94 0.10
N THR B 368 2.55 14.00 -0.45
CA THR B 368 3.70 14.17 0.43
C THR B 368 4.34 15.56 0.41
N SER B 369 4.81 15.96 1.58
CA SER B 369 5.71 17.10 1.70
C SER B 369 7.19 16.71 1.72
N GLY B 370 7.51 15.46 1.45
CA GLY B 370 8.91 15.06 1.32
C GLY B 370 9.37 14.72 -0.09
N THR B 371 10.41 13.89 -0.18
CA THR B 371 11.11 13.57 -1.43
C THR B 371 10.37 12.40 -2.09
N TYR B 372 10.65 12.16 -3.36
CA TYR B 372 10.05 11.04 -4.07
C TYR B 372 10.79 10.74 -5.38
N GLY B 373 10.54 9.59 -5.96
CA GLY B 373 11.27 9.22 -7.15
C GLY B 373 10.36 9.22 -8.36
N THR B 374 10.40 8.14 -9.14
CA THR B 374 9.74 8.04 -10.44
C THR B 374 9.32 6.57 -10.69
N GLY B 375 8.15 6.41 -11.33
CA GLY B 375 7.61 5.09 -11.67
C GLY B 375 6.31 5.15 -12.48
N SER B 376 5.57 4.04 -12.53
CA SER B 376 4.26 3.96 -13.19
C SER B 376 3.58 2.65 -12.86
N TRP B 377 2.39 2.73 -12.28
CA TRP B 377 1.74 1.56 -11.65
C TRP B 377 0.38 1.22 -12.27
N PRO B 378 0.38 0.48 -13.39
CA PRO B 378 -0.86 0.19 -14.13
C PRO B 378 -1.57 -1.01 -13.55
N ASP B 379 -2.83 -1.21 -13.96
CA ASP B 379 -3.52 -2.47 -13.69
C ASP B 379 -2.64 -3.75 -13.77
N GLY B 380 -2.03 -3.99 -14.91
CA GLY B 380 -1.08 -5.08 -15.03
C GLY B 380 -1.64 -6.46 -15.33
N ALA B 381 -2.82 -6.53 -15.95
CA ALA B 381 -3.43 -7.82 -16.26
C ALA B 381 -3.28 -8.20 -17.74
N ASN B 382 -2.71 -9.37 -18.01
CA ASN B 382 -2.61 -9.83 -19.39
C ASN B 382 -3.98 -10.35 -19.81
N ILE B 383 -4.61 -9.59 -20.70
CA ILE B 383 -5.98 -9.87 -21.13
C ILE B 383 -6.11 -11.29 -21.73
N ASN B 384 -5.00 -11.86 -22.20
CA ASN B 384 -5.02 -13.22 -22.75
C ASN B 384 -5.12 -14.28 -21.70
N PHE B 385 -4.81 -13.89 -20.47
CA PHE B 385 -4.91 -14.83 -19.37
C PHE B 385 -6.35 -14.90 -18.87
N MET B 386 -7.16 -13.94 -19.33
CA MET B 386 -8.47 -13.66 -18.74
C MET B 386 -9.59 -14.52 -19.30
N PRO B 387 -10.57 -14.84 -18.43
CA PRO B 387 -11.79 -15.57 -18.86
C PRO B 387 -12.68 -14.82 -19.88
N ILE B 388 -13.31 -15.62 -20.74
CA ILE B 388 -14.40 -15.23 -21.64
C ILE B 388 -13.81 -15.05 -23.04
#